data_2IO7
#
_entry.id   2IO7
#
_cell.length_a   60.01
_cell.length_b   75.54
_cell.length_c   84.06
_cell.angle_alpha   70.67
_cell.angle_beta   74.36
_cell.angle_gamma   78.22
#
_symmetry.space_group_name_H-M   'P 1'
#
loop_
_entity.id
_entity.type
_entity.pdbx_description
1 polymer 'Bifunctional glutathionylspermidine synthetase/amidase'
2 non-polymer 'MAGNESIUM ION'
3 non-polymer 'PHOSPHOAMINOPHOSPHONIC ACID-ADENYLATE ESTER'
4 water water
#
_entity_poly.entity_id   1
_entity_poly.type   'polypeptide(L)'
_entity_poly.pdbx_seq_one_letter_code
;MSKGTTSQDAPFGTLLGYAPGGVAIYSSDYSSLDPQEYEDDAVFRSYIDDEYMGHKWQCVEFARRFLFLNYGVVFTDVGM
AWEIFSLRFLREVVNDNILPLQAFPNGSPRAPVAGALLIWDKGGEFKDTGHVAIITQLHGNKVRIAEQNVIHSPLPQGQQ
WTRELEMVVENGCYTLKDTFDDTTILGWMIQTEDTEYSLPQPEIAGELLKISGARLENKGQFDGKWLDEKDPLQNAYVQA
NGQVINQDPYHYYTITESAEQELIKATNELHLMYLHATDKVLKDDNLLALFDIPKILWPRLRLSWQRRRHHMITGRMDFC
MDERGLKVYEYNADSASCHTEAGLILERWAEQGYKGNGFNPAEGLINELAGAWKHSRARPFVHIMQDKDIEENYHAQFME
QALHQAGFETRILRGLDELGWDAAGQLIDGEGRLVNCVWKTWAWETAFDQIREVSDREFAAVPIRTGHPQNEVRLIDVLL
RPEVLVFEPLWTVIPGNKAILPILWSLFPHHRYLLDTDFTVNDELVKTGYAVKPIAGRCGSNIDLVSHHEEVLDKTSGKF
AEQKNIYQQLWCLPKVDGKYIQVCTFTVGGNYGGTCLRGDESLVIKKESDIEPLIVVKK
;
_entity_poly.pdbx_strand_id   A,B
#
loop_
_chem_comp.id
_chem_comp.type
_chem_comp.name
_chem_comp.formula
ANP non-polymer 'PHOSPHOAMINOPHOSPHONIC ACID-ADENYLATE ESTER' 'C10 H17 N6 O12 P3'
MG non-polymer 'MAGNESIUM ION' 'Mg 2'
#
# COMPACT_ATOMS: atom_id res chain seq x y z
N ALA A 10 -8.26 15.24 -34.66
CA ALA A 10 -8.22 15.76 -33.27
C ALA A 10 -6.77 15.92 -32.80
N PRO A 11 -6.42 17.06 -32.17
CA PRO A 11 -5.04 17.26 -31.70
C PRO A 11 -4.52 16.11 -30.81
N PHE A 12 -3.37 16.32 -30.19
CA PHE A 12 -2.78 15.32 -29.31
C PHE A 12 -3.34 15.45 -27.90
N GLY A 13 -3.72 14.33 -27.30
CA GLY A 13 -4.23 14.37 -25.94
C GLY A 13 -5.73 14.56 -25.82
N THR A 14 -6.36 14.79 -26.95
CA THR A 14 -7.79 14.98 -26.95
C THR A 14 -8.54 13.67 -26.74
N LEU A 15 -9.56 13.77 -25.89
CA LEU A 15 -10.39 12.63 -25.55
C LEU A 15 -11.45 12.42 -26.62
N LEU A 16 -11.41 11.23 -27.21
CA LEU A 16 -12.35 10.83 -28.24
C LEU A 16 -13.53 10.00 -27.67
N GLY A 17 -13.27 9.24 -26.61
CA GLY A 17 -14.31 8.41 -26.02
C GLY A 17 -13.79 7.45 -24.96
N TYR A 18 -14.67 6.58 -24.48
CA TYR A 18 -14.33 5.61 -23.45
C TYR A 18 -14.63 4.17 -23.81
N ALA A 19 -13.77 3.27 -23.37
CA ALA A 19 -14.01 1.87 -23.63
C ALA A 19 -14.91 1.42 -22.48
N PRO A 20 -15.30 0.15 -22.46
CA PRO A 20 -16.17 -0.32 -21.37
C PRO A 20 -15.61 0.01 -19.99
N GLY A 21 -16.51 0.32 -19.06
CA GLY A 21 -16.11 0.66 -17.72
C GLY A 21 -15.58 2.08 -17.58
N GLY A 22 -15.54 2.86 -18.65
CA GLY A 22 -15.06 4.21 -18.53
C GLY A 22 -13.58 4.42 -18.81
N VAL A 23 -12.95 3.50 -19.53
CA VAL A 23 -11.53 3.68 -19.84
C VAL A 23 -11.40 4.61 -21.05
N ALA A 24 -10.96 5.85 -20.81
CA ALA A 24 -10.85 6.82 -21.90
C ALA A 24 -9.88 6.41 -23.02
N ILE A 25 -10.14 6.96 -24.20
CA ILE A 25 -9.34 6.70 -25.39
C ILE A 25 -8.92 8.02 -26.00
N TYR A 26 -7.63 8.34 -25.92
CA TYR A 26 -7.16 9.59 -26.44
C TYR A 26 -6.59 9.47 -27.85
N SER A 27 -6.37 10.63 -28.47
CA SER A 27 -5.79 10.68 -29.80
C SER A 27 -4.31 10.84 -29.62
N SER A 28 -3.55 9.97 -30.27
CA SER A 28 -2.11 10.00 -30.20
C SER A 28 -1.50 10.61 -31.45
N ASP A 29 -1.92 11.83 -31.81
CA ASP A 29 -1.39 12.50 -32.98
C ASP A 29 -0.15 13.24 -32.49
N TYR A 30 0.77 12.43 -31.99
CA TYR A 30 2.06 12.84 -31.42
C TYR A 30 2.58 14.26 -31.53
N ARG A 45 4.68 10.85 -20.64
CA ARG A 45 4.30 9.42 -20.37
C ARG A 45 3.32 9.17 -19.20
N SER A 46 2.23 8.49 -19.49
CA SER A 46 1.16 8.18 -18.52
C SER A 46 1.31 7.17 -17.38
N TYR A 47 0.94 7.63 -16.18
CA TYR A 47 0.93 6.84 -14.94
C TYR A 47 -0.48 6.99 -14.33
N ILE A 48 -0.86 6.07 -13.44
CA ILE A 48 -2.15 6.09 -12.73
C ILE A 48 -1.70 5.76 -11.33
N ASP A 49 -1.52 6.80 -10.53
CA ASP A 49 -1.01 6.66 -9.17
C ASP A 49 0.51 6.45 -9.30
N ASP A 50 0.96 5.27 -8.89
CA ASP A 50 2.37 4.93 -8.93
C ASP A 50 2.66 3.91 -10.03
N GLU A 51 1.62 3.47 -10.73
CA GLU A 51 1.79 2.49 -11.81
C GLU A 51 1.99 3.07 -13.19
N TYR A 52 3.09 2.68 -13.83
CA TYR A 52 3.39 3.13 -15.18
C TYR A 52 2.43 2.43 -16.12
N MET A 53 1.73 3.20 -16.94
CA MET A 53 0.77 2.64 -17.88
C MET A 53 1.33 2.47 -19.30
N GLY A 54 2.04 3.50 -19.77
CA GLY A 54 2.60 3.44 -21.11
C GLY A 54 3.13 4.79 -21.56
N HIS A 55 2.96 5.08 -22.84
CA HIS A 55 3.45 6.34 -23.38
C HIS A 55 2.27 6.93 -24.13
N LYS A 56 1.93 8.17 -23.82
CA LYS A 56 0.79 8.79 -24.49
C LYS A 56 0.99 8.90 -26.01
N TRP A 57 0.12 8.30 -26.82
CA TRP A 57 -0.97 7.46 -26.33
C TRP A 57 -1.01 6.24 -27.20
N GLN A 58 0.01 5.40 -27.06
CA GLN A 58 0.14 4.17 -27.83
C GLN A 58 -0.94 3.18 -27.59
N CYS A 59 -0.96 2.17 -28.44
CA CYS A 59 -1.93 1.09 -28.34
C CYS A 59 -1.71 0.26 -27.10
N VAL A 60 -0.47 0.26 -26.61
CA VAL A 60 -0.12 -0.49 -25.40
C VAL A 60 -0.50 0.32 -24.15
N GLU A 61 -0.37 1.63 -24.23
CA GLU A 61 -0.75 2.48 -23.11
C GLU A 61 -2.24 2.27 -22.81
N PHE A 62 -3.09 2.14 -23.83
CA PHE A 62 -4.49 1.92 -23.56
C PHE A 62 -4.72 0.46 -23.13
N ALA A 63 -4.13 -0.50 -23.85
CA ALA A 63 -4.30 -1.90 -23.49
C ALA A 63 -3.99 -2.14 -22.00
N ARG A 64 -2.87 -1.61 -21.53
CA ARG A 64 -2.48 -1.81 -20.14
C ARG A 64 -3.34 -1.05 -19.14
N ARG A 65 -3.78 0.14 -19.54
CA ARG A 65 -4.61 0.94 -18.66
C ARG A 65 -6.01 0.30 -18.52
N PHE A 66 -6.53 -0.24 -19.61
CA PHE A 66 -7.82 -0.89 -19.51
C PHE A 66 -7.72 -1.92 -18.39
N LEU A 67 -6.82 -2.88 -18.56
CA LEU A 67 -6.65 -3.94 -17.58
C LEU A 67 -6.48 -3.48 -16.13
N PHE A 68 -5.64 -2.47 -15.90
CA PHE A 68 -5.42 -2.03 -14.54
C PHE A 68 -6.65 -1.39 -13.92
N LEU A 69 -7.29 -0.45 -14.61
CA LEU A 69 -8.48 0.17 -14.04
C LEU A 69 -9.62 -0.83 -13.89
N ASN A 70 -9.78 -1.73 -14.84
CA ASN A 70 -10.84 -2.73 -14.75
C ASN A 70 -10.56 -4.02 -13.98
N TYR A 71 -9.34 -4.54 -14.09
CA TYR A 71 -8.98 -5.81 -13.45
C TYR A 71 -7.79 -5.77 -12.49
N GLY A 72 -7.26 -4.61 -12.21
CA GLY A 72 -6.14 -4.60 -11.29
C GLY A 72 -4.91 -5.38 -11.73
N VAL A 73 -4.81 -5.74 -13.01
CA VAL A 73 -3.61 -6.44 -13.43
C VAL A 73 -2.94 -5.60 -14.49
N VAL A 74 -1.74 -6.01 -14.85
CA VAL A 74 -0.95 -5.27 -15.81
C VAL A 74 0.14 -6.20 -16.36
N PHE A 75 0.62 -5.92 -17.58
CA PHE A 75 1.71 -6.72 -18.16
C PHE A 75 2.97 -5.84 -18.33
N THR A 76 4.12 -6.48 -18.14
CA THR A 76 5.43 -5.86 -18.21
C THR A 76 5.70 -4.94 -19.38
N ASP A 77 6.79 -4.20 -19.24
CA ASP A 77 7.20 -3.24 -20.23
C ASP A 77 7.66 -4.01 -21.43
N VAL A 78 7.06 -3.72 -22.58
CA VAL A 78 7.43 -4.38 -23.84
C VAL A 78 7.90 -3.30 -24.78
N GLY A 79 8.84 -3.68 -25.66
CA GLY A 79 9.37 -2.74 -26.61
C GLY A 79 8.36 -2.43 -27.69
N MET A 80 7.81 -3.48 -28.30
CA MET A 80 6.84 -3.31 -29.35
C MET A 80 5.54 -3.94 -28.95
N ALA A 81 4.40 -3.39 -29.39
CA ALA A 81 3.12 -3.98 -29.02
C ALA A 81 3.03 -5.46 -29.39
N TRP A 82 3.59 -5.86 -30.52
CA TRP A 82 3.56 -7.27 -30.95
C TRP A 82 4.23 -8.24 -29.96
N GLU A 83 5.11 -7.73 -29.11
CA GLU A 83 5.79 -8.57 -28.12
C GLU A 83 4.86 -9.11 -27.01
N ILE A 84 3.79 -8.40 -26.74
CA ILE A 84 2.85 -8.80 -25.72
C ILE A 84 2.44 -10.24 -25.90
N PHE A 85 2.29 -10.67 -27.14
CA PHE A 85 1.86 -12.03 -27.42
C PHE A 85 2.80 -13.15 -26.88
N SER A 86 4.02 -12.76 -26.54
CA SER A 86 5.00 -13.71 -26.02
C SER A 86 5.01 -13.80 -24.51
N LEU A 87 4.19 -12.97 -23.85
CA LEU A 87 4.11 -12.95 -22.40
C LEU A 87 3.23 -14.02 -21.85
N ARG A 88 3.71 -14.65 -20.79
CA ARG A 88 2.94 -15.71 -20.17
C ARG A 88 2.53 -15.43 -18.73
N PHE A 89 2.24 -14.19 -18.39
CA PHE A 89 1.77 -13.95 -17.04
C PHE A 89 1.42 -12.50 -16.87
N LEU A 90 0.40 -12.24 -16.05
CA LEU A 90 -0.02 -10.89 -15.73
C LEU A 90 0.34 -10.65 -14.27
N ARG A 91 0.33 -9.38 -13.87
CA ARG A 91 0.67 -9.00 -12.50
C ARG A 91 -0.46 -8.33 -11.76
N GLU A 92 -0.88 -8.92 -10.64
CA GLU A 92 -1.95 -8.33 -9.84
C GLU A 92 -1.28 -7.30 -8.98
N VAL A 93 -1.52 -6.04 -9.30
CA VAL A 93 -0.90 -4.93 -8.61
C VAL A 93 -1.14 -4.82 -7.09
N VAL A 94 -2.37 -5.02 -6.69
CA VAL A 94 -2.73 -4.88 -5.29
C VAL A 94 -2.06 -5.88 -4.33
N ASN A 95 -1.17 -6.71 -4.86
CA ASN A 95 -0.48 -7.68 -3.99
C ASN A 95 0.69 -8.36 -4.70
N ASP A 96 1.19 -7.69 -5.74
CA ASP A 96 2.31 -8.16 -6.54
C ASP A 96 2.32 -9.67 -6.75
N ASN A 97 1.13 -10.23 -6.91
CA ASN A 97 0.96 -11.64 -7.15
C ASN A 97 1.00 -11.85 -8.67
N ILE A 98 1.41 -13.03 -9.12
CA ILE A 98 1.53 -13.30 -10.55
C ILE A 98 0.52 -14.29 -11.13
N LEU A 99 -0.23 -13.85 -12.13
CA LEU A 99 -1.27 -14.67 -12.74
C LEU A 99 -0.88 -15.22 -14.12
N PRO A 100 -1.32 -16.44 -14.43
CA PRO A 100 -1.01 -17.08 -15.71
C PRO A 100 -1.86 -16.52 -16.86
N LEU A 101 -1.20 -16.36 -18.00
CA LEU A 101 -1.87 -15.81 -19.16
C LEU A 101 -1.53 -16.60 -20.40
N GLN A 102 -2.51 -17.32 -20.92
CA GLN A 102 -2.30 -18.13 -22.10
C GLN A 102 -2.52 -17.38 -23.40
N ALA A 103 -1.84 -17.87 -24.44
CA ALA A 103 -1.95 -17.28 -25.77
C ALA A 103 -2.59 -18.26 -26.78
N PHE A 104 -3.62 -17.82 -27.49
CA PHE A 104 -4.28 -18.69 -28.47
C PHE A 104 -4.12 -18.14 -29.89
N PRO A 105 -3.73 -19.02 -30.82
CA PRO A 105 -3.53 -18.58 -32.20
C PRO A 105 -4.87 -18.14 -32.79
N ASN A 106 -4.80 -17.34 -33.83
CA ASN A 106 -6.02 -16.91 -34.49
C ASN A 106 -6.46 -18.05 -35.37
N GLY A 107 -7.46 -18.77 -34.90
CA GLY A 107 -7.96 -19.88 -35.66
C GLY A 107 -8.20 -21.00 -34.69
N SER A 108 -8.07 -20.66 -33.41
CA SER A 108 -8.22 -21.59 -32.30
C SER A 108 -9.62 -21.96 -31.79
N PRO A 109 -9.73 -23.14 -31.20
CA PRO A 109 -11.02 -23.55 -30.66
C PRO A 109 -11.43 -22.57 -29.57
N ARG A 110 -10.48 -22.07 -28.80
CA ARG A 110 -10.78 -21.14 -27.71
C ARG A 110 -11.42 -19.85 -28.21
N ALA A 111 -12.65 -19.59 -27.78
CA ALA A 111 -13.32 -18.39 -28.22
C ALA A 111 -12.74 -17.15 -27.58
N PRO A 112 -12.58 -16.08 -28.38
CA PRO A 112 -12.05 -14.77 -28.01
C PRO A 112 -13.00 -13.95 -27.15
N VAL A 113 -13.23 -14.41 -25.92
CA VAL A 113 -14.11 -13.75 -24.95
C VAL A 113 -13.81 -12.27 -24.74
N ALA A 114 -14.81 -11.52 -24.30
CA ALA A 114 -14.62 -10.10 -24.09
C ALA A 114 -13.61 -9.90 -23.00
N GLY A 115 -12.89 -8.79 -23.09
CA GLY A 115 -11.87 -8.48 -22.10
C GLY A 115 -10.48 -8.98 -22.44
N ALA A 116 -10.38 -10.00 -23.30
CA ALA A 116 -9.09 -10.53 -23.67
C ALA A 116 -8.28 -9.57 -24.51
N LEU A 117 -6.99 -9.85 -24.56
CA LEU A 117 -6.07 -9.02 -25.27
C LEU A 117 -5.99 -9.53 -26.68
N LEU A 118 -5.99 -8.61 -27.64
CA LEU A 118 -5.87 -9.00 -29.04
C LEU A 118 -4.54 -8.42 -29.54
N ILE A 119 -3.62 -9.30 -29.91
CA ILE A 119 -2.30 -8.85 -30.35
C ILE A 119 -2.11 -9.07 -31.80
N TRP A 120 -1.49 -8.08 -32.43
CA TRP A 120 -1.16 -8.08 -33.84
C TRP A 120 0.33 -8.30 -33.98
N ASP A 121 0.74 -9.03 -35.01
CA ASP A 121 2.15 -9.23 -35.21
C ASP A 121 2.58 -8.05 -36.07
N LYS A 122 3.86 -7.66 -36.04
CA LYS A 122 4.28 -6.54 -36.87
C LYS A 122 4.09 -6.97 -38.30
N GLY A 123 3.64 -6.02 -39.12
CA GLY A 123 3.42 -6.31 -40.53
C GLY A 123 2.30 -5.49 -41.14
N GLY A 124 2.43 -5.17 -42.42
CA GLY A 124 1.41 -4.38 -43.08
C GLY A 124 1.14 -3.08 -42.37
N GLU A 125 -0.13 -2.67 -42.34
CA GLU A 125 -0.55 -1.43 -41.70
C GLU A 125 0.19 -1.16 -40.38
N PHE A 126 0.52 -2.23 -39.66
CA PHE A 126 1.23 -2.13 -38.39
C PHE A 126 2.68 -2.57 -38.56
N LYS A 127 3.34 -1.91 -39.51
CA LYS A 127 4.72 -2.16 -39.87
C LYS A 127 5.52 -2.99 -38.90
N ASP A 128 6.40 -2.35 -38.14
CA ASP A 128 7.20 -3.12 -37.23
C ASP A 128 6.79 -2.97 -35.75
N THR A 129 5.97 -1.97 -35.45
CA THR A 129 5.52 -1.75 -34.09
C THR A 129 4.59 -2.88 -33.63
N GLY A 130 3.80 -3.42 -34.53
CA GLY A 130 2.86 -4.46 -34.12
C GLY A 130 1.65 -3.70 -33.61
N HIS A 131 0.78 -4.34 -32.85
CA HIS A 131 -0.39 -3.64 -32.31
C HIS A 131 -1.21 -4.50 -31.38
N VAL A 132 -1.89 -3.85 -30.42
CA VAL A 132 -2.73 -4.54 -29.46
C VAL A 132 -4.03 -3.79 -29.19
N ALA A 133 -5.08 -4.53 -28.81
CA ALA A 133 -6.40 -3.95 -28.51
C ALA A 133 -7.20 -4.85 -27.61
N ILE A 134 -8.31 -4.34 -27.09
CA ILE A 134 -9.19 -5.09 -26.20
C ILE A 134 -10.54 -5.44 -26.83
N ILE A 135 -10.88 -6.72 -26.77
CA ILE A 135 -12.15 -7.24 -27.24
C ILE A 135 -13.22 -6.75 -26.25
N THR A 136 -14.16 -5.91 -26.68
CA THR A 136 -15.17 -5.42 -25.74
C THR A 136 -16.44 -6.24 -25.78
N GLN A 137 -16.65 -6.92 -26.90
CA GLN A 137 -17.83 -7.77 -27.00
C GLN A 137 -17.89 -8.72 -28.19
N LEU A 138 -18.59 -9.83 -27.99
CA LEU A 138 -18.75 -10.85 -29.02
C LEU A 138 -20.18 -10.85 -29.58
N HIS A 139 -20.34 -11.23 -30.86
CA HIS A 139 -21.65 -11.29 -31.50
C HIS A 139 -21.87 -12.52 -32.39
N GLY A 140 -21.25 -13.65 -32.06
CA GLY A 140 -21.45 -14.84 -32.87
C GLY A 140 -20.86 -14.79 -34.27
N ASN A 141 -20.96 -13.65 -34.95
CA ASN A 141 -20.43 -13.47 -36.30
C ASN A 141 -19.51 -12.24 -36.34
N LYS A 142 -19.39 -11.55 -35.22
CA LYS A 142 -18.54 -10.37 -35.17
C LYS A 142 -17.95 -10.17 -33.79
N VAL A 143 -17.06 -9.20 -33.67
CA VAL A 143 -16.40 -8.87 -32.41
C VAL A 143 -16.14 -7.38 -32.41
N ARG A 144 -16.24 -6.77 -31.24
CA ARG A 144 -15.96 -5.34 -31.15
C ARG A 144 -14.74 -5.14 -30.28
N ILE A 145 -13.88 -4.23 -30.69
CA ILE A 145 -12.66 -3.94 -29.95
C ILE A 145 -12.47 -2.43 -29.72
N ALA A 146 -11.63 -2.09 -28.74
CA ALA A 146 -11.27 -0.70 -28.44
C ALA A 146 -9.72 -0.62 -28.45
N GLU A 147 -9.13 0.46 -28.93
CA GLU A 147 -7.67 0.57 -28.99
C GLU A 147 -7.34 2.04 -29.00
N GLN A 148 -6.07 2.42 -29.18
CA GLN A 148 -5.77 3.84 -29.13
C GLN A 148 -4.98 4.46 -30.26
N ASN A 149 -4.07 3.71 -30.86
CA ASN A 149 -3.28 4.30 -31.91
C ASN A 149 -3.66 3.81 -33.29
N VAL A 150 -4.96 3.87 -33.62
CA VAL A 150 -5.41 3.42 -34.91
C VAL A 150 -6.25 4.52 -35.54
N ILE A 151 -7.21 5.05 -34.78
CA ILE A 151 -8.06 6.13 -35.28
C ILE A 151 -7.89 7.29 -34.31
N HIS A 152 -7.74 8.50 -34.85
CA HIS A 152 -7.56 9.68 -34.00
C HIS A 152 -8.69 10.69 -34.12
N SER A 153 -9.92 10.19 -34.16
CA SER A 153 -11.07 11.07 -34.28
C SER A 153 -12.16 10.67 -33.30
N PRO A 154 -12.90 11.68 -32.78
CA PRO A 154 -13.98 11.43 -31.81
C PRO A 154 -14.85 10.30 -32.25
N LEU A 155 -15.44 9.61 -31.28
CA LEU A 155 -16.28 8.48 -31.61
C LEU A 155 -17.73 8.81 -31.38
N PRO A 156 -18.61 8.11 -32.09
CA PRO A 156 -20.06 8.29 -31.98
C PRO A 156 -20.48 8.47 -30.52
N GLN A 157 -21.15 9.58 -30.20
CA GLN A 157 -21.60 9.83 -28.84
C GLN A 157 -22.04 8.52 -28.17
N GLY A 158 -21.35 8.14 -27.11
CA GLY A 158 -21.70 6.92 -26.40
C GLY A 158 -21.12 5.60 -26.87
N GLN A 159 -20.68 5.52 -28.11
CA GLN A 159 -20.12 4.26 -28.62
C GLN A 159 -18.84 3.87 -27.88
N GLN A 160 -18.85 2.69 -27.26
CA GLN A 160 -17.69 2.20 -26.49
C GLN A 160 -16.87 1.12 -27.21
N TRP A 161 -16.42 1.46 -28.41
CA TRP A 161 -15.58 0.60 -29.23
C TRP A 161 -15.05 1.40 -30.42
N THR A 162 -13.95 0.96 -31.02
CA THR A 162 -13.36 1.67 -32.14
C THR A 162 -13.44 0.91 -33.46
N ARG A 163 -13.64 -0.40 -33.41
CA ARG A 163 -13.72 -1.14 -34.65
C ARG A 163 -14.49 -2.46 -34.44
N GLU A 164 -14.94 -3.07 -35.53
CA GLU A 164 -15.64 -4.35 -35.49
C GLU A 164 -14.95 -5.34 -36.42
N LEU A 165 -14.62 -6.51 -35.92
CA LEU A 165 -13.97 -7.48 -36.76
C LEU A 165 -14.89 -8.66 -37.05
N GLU A 166 -14.75 -9.19 -38.24
CA GLU A 166 -15.57 -10.29 -38.67
C GLU A 166 -15.04 -11.60 -38.09
N MET A 167 -15.85 -12.23 -37.25
CA MET A 167 -15.46 -13.48 -36.66
C MET A 167 -16.14 -14.63 -37.38
N VAL A 168 -15.36 -15.52 -37.99
CA VAL A 168 -15.95 -16.65 -38.69
C VAL A 168 -15.79 -17.92 -37.87
N VAL A 169 -16.88 -18.57 -37.54
CA VAL A 169 -16.84 -19.79 -36.75
C VAL A 169 -17.12 -21.05 -37.58
N GLU A 170 -16.09 -21.83 -37.88
CA GLU A 170 -16.25 -23.02 -38.70
C GLU A 170 -15.79 -24.26 -37.97
N ASN A 171 -16.74 -25.14 -37.70
CA ASN A 171 -16.45 -26.40 -37.00
C ASN A 171 -15.61 -26.28 -35.74
N GLY A 172 -16.17 -25.61 -34.73
CA GLY A 172 -15.46 -25.42 -33.47
C GLY A 172 -14.39 -24.32 -33.41
N CYS A 173 -13.72 -24.05 -34.54
CA CYS A 173 -12.66 -23.05 -34.60
C CYS A 173 -13.18 -21.64 -34.74
N TYR A 174 -12.37 -20.68 -34.27
CA TYR A 174 -12.70 -19.27 -34.34
C TYR A 174 -11.62 -18.48 -35.07
N THR A 175 -12.03 -17.76 -36.11
CA THR A 175 -11.10 -16.95 -36.89
C THR A 175 -11.57 -15.50 -36.95
N LEU A 176 -10.64 -14.56 -36.86
CA LEU A 176 -10.99 -13.17 -36.94
C LEU A 176 -10.34 -12.64 -38.18
N LYS A 177 -10.99 -11.67 -38.81
CA LYS A 177 -10.50 -11.06 -40.04
C LYS A 177 -10.31 -9.59 -39.70
N ASP A 178 -9.10 -9.06 -39.89
CA ASP A 178 -8.86 -7.66 -39.55
C ASP A 178 -9.28 -6.72 -40.64
N THR A 179 -9.87 -5.60 -40.26
CA THR A 179 -10.29 -4.67 -41.27
C THR A 179 -9.19 -4.25 -42.22
N PHE A 180 -7.95 -4.69 -42.03
CA PHE A 180 -6.93 -4.29 -43.00
C PHE A 180 -6.54 -5.47 -43.89
N ASP A 181 -6.11 -5.18 -45.12
CA ASP A 181 -5.74 -6.24 -46.04
C ASP A 181 -4.31 -6.79 -45.98
N ASP A 182 -3.35 -6.05 -45.40
CA ASP A 182 -1.95 -6.50 -45.35
C ASP A 182 -1.42 -6.89 -43.97
N THR A 183 -2.25 -6.79 -42.94
CA THR A 183 -1.81 -7.08 -41.58
C THR A 183 -2.02 -8.51 -41.08
N THR A 184 -1.26 -8.88 -40.05
CA THR A 184 -1.33 -10.23 -39.51
C THR A 184 -1.74 -10.21 -38.04
N ILE A 185 -2.75 -11.00 -37.69
CA ILE A 185 -3.23 -11.05 -36.30
C ILE A 185 -2.70 -12.28 -35.58
N LEU A 186 -1.88 -12.09 -34.57
CA LEU A 186 -1.34 -13.25 -33.88
C LEU A 186 -2.42 -14.07 -33.20
N GLY A 187 -3.23 -13.41 -32.39
CA GLY A 187 -4.28 -14.08 -31.68
C GLY A 187 -4.68 -13.25 -30.48
N TRP A 188 -5.29 -13.92 -29.51
CA TRP A 188 -5.78 -13.27 -28.31
C TRP A 188 -5.21 -13.95 -27.09
N MET A 189 -5.34 -13.31 -25.92
CA MET A 189 -4.81 -13.85 -24.68
C MET A 189 -5.83 -13.81 -23.54
N ILE A 190 -5.82 -14.83 -22.72
CA ILE A 190 -6.78 -14.93 -21.62
C ILE A 190 -6.10 -15.40 -20.33
N GLN A 191 -6.25 -14.61 -19.27
CA GLN A 191 -5.68 -14.93 -17.97
C GLN A 191 -6.48 -16.09 -17.43
N THR A 192 -5.92 -17.29 -17.56
CA THR A 192 -6.62 -18.48 -17.08
C THR A 192 -5.63 -19.61 -16.78
N GLU A 193 -6.04 -20.58 -15.98
CA GLU A 193 -5.13 -21.67 -15.68
C GLU A 193 -5.34 -22.81 -16.67
N ASP A 194 -6.41 -22.74 -17.47
CA ASP A 194 -6.70 -23.79 -18.45
C ASP A 194 -5.83 -23.54 -19.67
N THR A 195 -4.85 -24.42 -19.85
CA THR A 195 -3.90 -24.31 -20.95
C THR A 195 -4.36 -24.98 -22.24
N GLU A 196 -5.56 -25.56 -22.22
CA GLU A 196 -6.07 -26.23 -23.40
C GLU A 196 -6.22 -25.27 -24.57
N TYR A 197 -5.92 -25.75 -25.79
CA TYR A 197 -6.03 -24.94 -27.01
C TYR A 197 -4.93 -23.88 -27.10
N SER A 198 -4.25 -23.61 -25.99
CA SER A 198 -3.20 -22.59 -25.95
C SER A 198 -1.86 -22.97 -26.55
N LEU A 199 -1.06 -21.92 -26.76
CA LEU A 199 0.26 -21.99 -27.36
C LEU A 199 1.40 -22.09 -26.36
N PRO A 200 2.49 -22.75 -26.76
CA PRO A 200 3.68 -22.93 -25.95
C PRO A 200 4.42 -21.59 -25.91
N GLN A 201 5.03 -21.23 -24.79
CA GLN A 201 5.75 -19.98 -24.69
C GLN A 201 6.97 -20.10 -25.57
N PRO A 202 6.97 -19.38 -26.69
CA PRO A 202 8.09 -19.42 -27.63
C PRO A 202 9.48 -19.44 -26.99
N GLU A 203 10.41 -20.08 -27.70
CA GLU A 203 11.81 -20.23 -27.29
C GLU A 203 12.63 -19.70 -28.44
N ILE A 204 13.81 -19.17 -28.14
CA ILE A 204 14.67 -18.65 -29.18
C ILE A 204 15.73 -19.68 -29.61
N ALA A 205 15.94 -19.78 -30.92
CA ALA A 205 16.91 -20.67 -31.53
C ALA A 205 18.31 -20.41 -30.99
N GLY A 206 18.79 -21.27 -30.11
CA GLY A 206 20.11 -21.12 -29.52
C GLY A 206 21.24 -20.50 -30.34
N GLU A 207 21.15 -20.62 -31.66
CA GLU A 207 22.15 -20.10 -32.59
C GLU A 207 22.15 -18.60 -32.56
N LEU A 208 21.01 -18.02 -32.24
CA LEU A 208 20.86 -16.57 -32.17
C LEU A 208 21.43 -16.03 -30.87
N LEU A 209 21.55 -16.89 -29.87
CA LEU A 209 22.08 -16.49 -28.59
C LEU A 209 23.60 -16.59 -28.52
N LYS A 210 24.26 -16.94 -29.62
CA LYS A 210 25.72 -17.07 -29.59
C LYS A 210 26.42 -15.74 -29.66
N ILE A 211 27.47 -15.61 -28.85
CA ILE A 211 28.28 -14.41 -28.80
C ILE A 211 29.47 -14.59 -29.76
N SER A 212 29.57 -13.69 -30.73
CA SER A 212 30.63 -13.82 -31.72
C SER A 212 31.77 -12.87 -31.47
N GLY A 213 32.96 -13.26 -31.93
CA GLY A 213 34.13 -12.42 -31.81
C GLY A 213 34.32 -11.60 -33.08
N ALA A 214 34.75 -10.35 -32.95
CA ALA A 214 34.98 -9.46 -34.10
C ALA A 214 36.27 -8.67 -33.89
N ARG A 215 36.71 -8.01 -34.95
CA ARG A 215 37.92 -7.22 -34.85
C ARG A 215 37.83 -5.93 -35.64
N LEU A 216 38.56 -4.92 -35.19
CA LEU A 216 38.50 -3.67 -35.91
C LEU A 216 39.74 -3.60 -36.74
N GLU A 217 39.68 -2.76 -37.78
CA GLU A 217 40.86 -2.58 -38.60
C GLU A 217 41.77 -1.68 -37.77
N ASN A 218 43.00 -2.12 -37.61
CA ASN A 218 43.95 -1.36 -36.85
C ASN A 218 44.56 -0.26 -37.70
N LYS A 219 44.14 0.97 -37.43
CA LYS A 219 44.64 2.13 -38.14
C LYS A 219 45.02 3.11 -37.05
N GLY A 220 45.37 2.55 -35.88
CA GLY A 220 45.78 3.35 -34.73
C GLY A 220 44.75 4.18 -33.98
N GLN A 221 43.51 3.72 -33.90
CA GLN A 221 42.47 4.49 -33.21
C GLN A 221 42.64 4.49 -31.69
N PHE A 222 43.29 3.44 -31.19
CA PHE A 222 43.52 3.34 -29.76
C PHE A 222 45.00 3.30 -29.42
N ASP A 223 45.78 4.25 -29.91
CA ASP A 223 47.21 4.24 -29.59
C ASP A 223 47.64 5.31 -28.59
N GLY A 224 46.98 6.44 -28.62
CA GLY A 224 47.32 7.52 -27.70
C GLY A 224 46.18 7.77 -26.76
N LYS A 225 45.79 9.03 -26.62
CA LYS A 225 44.69 9.41 -25.74
C LYS A 225 43.35 9.54 -26.46
N TRP A 226 42.65 8.43 -26.62
CA TRP A 226 41.36 8.44 -27.28
C TRP A 226 40.24 8.88 -26.36
N LEU A 227 40.46 8.79 -25.05
CA LEU A 227 39.44 9.22 -24.11
C LEU A 227 39.65 10.70 -23.86
N ASP A 228 38.61 11.48 -24.13
CA ASP A 228 38.67 12.92 -23.99
C ASP A 228 38.88 13.35 -22.54
N GLU A 229 40.09 13.80 -22.22
CA GLU A 229 40.40 14.20 -20.86
C GLU A 229 39.85 15.53 -20.36
N LYS A 230 39.18 16.27 -21.23
CA LYS A 230 38.58 17.53 -20.80
C LYS A 230 37.21 17.28 -20.20
N ASP A 231 36.66 16.09 -20.46
CA ASP A 231 35.38 15.65 -19.89
C ASP A 231 35.76 15.09 -18.50
N PRO A 232 35.37 15.78 -17.42
CA PRO A 232 35.67 15.39 -16.03
C PRO A 232 35.40 13.94 -15.75
N LEU A 233 34.31 13.44 -16.32
CA LEU A 233 33.87 12.07 -16.14
C LEU A 233 34.91 11.09 -16.69
N GLN A 234 35.24 11.23 -17.97
CA GLN A 234 36.22 10.37 -18.60
C GLN A 234 37.55 10.49 -17.87
N ASN A 235 37.91 11.70 -17.48
CA ASN A 235 39.16 11.89 -16.77
C ASN A 235 39.13 11.12 -15.45
N ALA A 236 37.96 11.13 -14.81
CA ALA A 236 37.75 10.42 -13.57
C ALA A 236 38.05 8.95 -13.82
N TYR A 237 37.53 8.43 -14.93
CA TYR A 237 37.77 7.06 -15.30
C TYR A 237 39.24 6.78 -15.49
N VAL A 238 39.94 7.71 -16.15
CA VAL A 238 41.34 7.55 -16.45
C VAL A 238 42.25 7.64 -15.26
N GLN A 239 41.92 8.51 -14.32
CA GLN A 239 42.76 8.63 -13.13
C GLN A 239 42.72 7.30 -12.42
N ALA A 240 41.66 6.53 -12.67
CA ALA A 240 41.51 5.24 -12.04
C ALA A 240 42.03 4.08 -12.87
N ASN A 241 41.81 4.11 -14.18
CA ASN A 241 42.23 3.02 -15.06
C ASN A 241 43.15 3.36 -16.22
N GLY A 242 43.32 4.65 -16.50
CA GLY A 242 44.19 5.07 -17.58
C GLY A 242 43.39 5.05 -18.86
N GLN A 243 44.05 5.30 -19.97
CA GLN A 243 43.38 5.30 -21.26
C GLN A 243 43.19 3.84 -21.65
N VAL A 244 42.39 3.11 -20.90
CA VAL A 244 42.22 1.71 -21.25
C VAL A 244 40.94 1.05 -20.74
N ILE A 245 40.40 0.15 -21.55
CA ILE A 245 39.20 -0.59 -21.17
C ILE A 245 39.56 -2.06 -21.00
N ASN A 246 40.35 -2.59 -21.93
CA ASN A 246 40.78 -3.98 -21.83
C ASN A 246 42.09 -4.16 -22.52
N GLN A 247 42.56 -5.39 -22.52
CA GLN A 247 43.84 -5.70 -23.12
C GLN A 247 43.95 -5.62 -24.63
N ASP A 248 42.84 -5.64 -25.37
CA ASP A 248 42.93 -5.47 -26.83
C ASP A 248 41.76 -4.65 -27.36
N PRO A 249 41.83 -3.32 -27.25
CA PRO A 249 40.79 -2.39 -27.70
C PRO A 249 40.41 -2.51 -29.17
N TYR A 250 41.05 -3.44 -29.89
CA TYR A 250 40.76 -3.62 -31.28
C TYR A 250 39.82 -4.79 -31.49
N HIS A 251 39.65 -5.61 -30.46
CA HIS A 251 38.77 -6.75 -30.55
C HIS A 251 37.45 -6.49 -29.81
N TYR A 252 36.34 -6.94 -30.37
CA TYR A 252 35.05 -6.74 -29.72
C TYR A 252 34.15 -7.96 -29.90
N TYR A 253 32.99 -7.95 -29.26
CA TYR A 253 32.09 -9.08 -29.39
C TYR A 253 30.74 -8.56 -29.88
N THR A 254 29.93 -9.48 -30.38
CA THR A 254 28.63 -9.13 -30.90
C THR A 254 27.58 -10.14 -30.52
N ILE A 255 26.33 -9.68 -30.49
CA ILE A 255 25.18 -10.51 -30.24
C ILE A 255 24.15 -9.99 -31.24
N THR A 256 23.18 -10.81 -31.61
CA THR A 256 22.17 -10.41 -32.59
C THR A 256 21.04 -9.63 -31.93
N GLU A 257 20.42 -8.75 -32.70
CA GLU A 257 19.34 -7.94 -32.19
C GLU A 257 18.28 -8.84 -31.58
N SER A 258 18.26 -10.12 -31.98
CA SER A 258 17.28 -11.06 -31.44
C SER A 258 17.69 -11.48 -30.04
N ALA A 259 18.99 -11.64 -29.83
CA ALA A 259 19.50 -12.00 -28.52
C ALA A 259 19.21 -10.81 -27.60
N GLU A 260 19.39 -9.59 -28.08
CA GLU A 260 19.11 -8.47 -27.19
C GLU A 260 17.63 -8.49 -26.83
N GLN A 261 16.75 -8.74 -27.81
CA GLN A 261 15.32 -8.78 -27.50
C GLN A 261 15.07 -9.81 -26.41
N GLU A 262 15.67 -11.00 -26.54
CA GLU A 262 15.57 -12.04 -25.54
C GLU A 262 16.07 -11.48 -24.21
N LEU A 263 17.29 -10.97 -24.21
CA LEU A 263 17.85 -10.37 -22.99
C LEU A 263 16.92 -9.33 -22.39
N ILE A 264 16.20 -8.56 -23.22
CA ILE A 264 15.31 -7.56 -22.65
C ILE A 264 14.11 -8.26 -22.06
N LYS A 265 13.62 -9.25 -22.80
CA LYS A 265 12.50 -10.04 -22.36
C LYS A 265 12.80 -10.57 -20.95
N ALA A 266 13.89 -11.34 -20.82
CA ALA A 266 14.31 -11.93 -19.56
C ALA A 266 14.57 -10.91 -18.44
N THR A 267 15.24 -9.81 -18.74
CA THR A 267 15.46 -8.80 -17.71
C THR A 267 14.14 -8.33 -17.13
N ASN A 268 13.22 -7.85 -17.95
CA ASN A 268 11.95 -7.40 -17.37
C ASN A 268 11.21 -8.50 -16.56
N GLU A 269 11.18 -9.72 -17.10
CA GLU A 269 10.53 -10.87 -16.47
C GLU A 269 11.18 -11.17 -15.14
N LEU A 270 12.49 -11.39 -15.13
CA LEU A 270 13.17 -11.68 -13.86
C LEU A 270 13.00 -10.56 -12.83
N HIS A 271 13.00 -9.30 -13.29
CA HIS A 271 12.82 -8.21 -12.35
C HIS A 271 11.50 -8.42 -11.64
N LEU A 272 10.42 -8.61 -12.38
CA LEU A 272 9.12 -8.86 -11.77
C LEU A 272 9.17 -10.10 -10.89
N MET A 273 9.89 -11.13 -11.32
CA MET A 273 9.99 -12.33 -10.50
C MET A 273 10.64 -12.01 -9.14
N TYR A 274 11.89 -11.53 -9.16
CA TYR A 274 12.55 -11.18 -7.90
C TYR A 274 11.62 -10.36 -7.02
N LEU A 275 10.96 -9.32 -7.56
CA LEU A 275 10.03 -8.49 -6.76
C LEU A 275 8.88 -9.28 -6.17
N HIS A 276 8.44 -10.32 -6.86
CA HIS A 276 7.37 -11.16 -6.34
C HIS A 276 7.98 -11.99 -5.22
N ALA A 277 9.20 -12.48 -5.44
CA ALA A 277 9.89 -13.28 -4.42
C ALA A 277 10.20 -12.41 -3.20
N THR A 278 10.42 -11.12 -3.41
CA THR A 278 10.68 -10.27 -2.26
C THR A 278 9.39 -10.16 -1.45
N ASP A 279 8.30 -9.83 -2.11
CA ASP A 279 7.01 -9.73 -1.42
C ASP A 279 6.73 -10.98 -0.59
N LYS A 280 6.92 -12.14 -1.19
CA LYS A 280 6.68 -13.40 -0.49
C LYS A 280 7.58 -13.59 0.73
N VAL A 281 8.81 -13.11 0.65
CA VAL A 281 9.72 -13.23 1.77
C VAL A 281 9.32 -12.31 2.92
N LEU A 282 8.92 -11.08 2.60
CA LEU A 282 8.57 -10.11 3.63
C LEU A 282 7.18 -10.32 4.14
N LYS A 283 6.56 -11.41 3.71
CA LYS A 283 5.22 -11.78 4.16
C LYS A 283 5.26 -13.05 5.05
N ASP A 284 6.46 -13.60 5.24
CA ASP A 284 6.65 -14.83 6.01
C ASP A 284 7.99 -14.91 6.78
N ASP A 285 7.89 -14.73 8.08
CA ASP A 285 9.03 -14.78 8.95
C ASP A 285 9.95 -15.99 8.71
N ASN A 286 9.36 -17.14 8.38
CA ASN A 286 10.18 -18.33 8.19
C ASN A 286 11.09 -18.25 7.00
N LEU A 287 10.76 -17.35 6.08
CA LEU A 287 11.60 -17.15 4.91
C LEU A 287 12.65 -16.07 5.22
N LEU A 288 12.16 -14.87 5.53
CA LEU A 288 13.00 -13.73 5.82
C LEU A 288 14.19 -14.09 6.71
N ALA A 289 13.95 -15.08 7.58
CA ALA A 289 14.92 -15.55 8.54
C ALA A 289 16.10 -16.27 7.91
N LEU A 290 15.95 -16.69 6.67
CA LEU A 290 17.02 -17.38 5.98
C LEU A 290 18.06 -16.39 5.45
N PHE A 291 17.79 -15.09 5.55
CA PHE A 291 18.70 -14.04 5.05
C PHE A 291 19.80 -13.53 5.98
N ASP A 292 19.70 -13.83 7.29
CA ASP A 292 20.71 -13.42 8.26
C ASP A 292 20.80 -11.94 8.37
N ILE A 293 19.65 -11.29 8.32
CA ILE A 293 19.57 -9.84 8.46
C ILE A 293 19.14 -9.60 9.91
N PRO A 294 19.90 -8.84 10.68
CA PRO A 294 19.59 -8.54 12.08
C PRO A 294 18.13 -8.27 12.31
N LYS A 295 17.53 -9.13 13.13
CA LYS A 295 16.10 -9.03 13.43
C LYS A 295 15.59 -7.59 13.61
N ILE A 296 16.22 -6.82 14.49
CA ILE A 296 15.83 -5.45 14.72
C ILE A 296 15.38 -4.69 13.44
N LEU A 297 15.95 -5.05 12.30
CA LEU A 297 15.62 -4.40 11.04
C LEU A 297 14.38 -4.93 10.35
N TRP A 298 13.90 -6.08 10.78
CA TRP A 298 12.73 -6.63 10.12
C TRP A 298 11.55 -5.65 9.94
N PRO A 299 11.04 -5.06 11.02
CA PRO A 299 9.90 -4.14 10.84
C PRO A 299 10.17 -3.06 9.78
N ARG A 300 11.43 -2.63 9.65
CA ARG A 300 11.81 -1.60 8.68
C ARG A 300 11.95 -2.11 7.27
N LEU A 301 12.39 -3.36 7.15
CA LEU A 301 12.50 -4.00 5.87
C LEU A 301 11.09 -3.96 5.27
N ARG A 302 10.12 -4.36 6.09
CA ARG A 302 8.74 -4.39 5.70
C ARG A 302 8.23 -3.03 5.39
N LEU A 303 8.45 -2.08 6.30
CA LEU A 303 7.96 -0.73 6.06
C LEU A 303 8.52 -0.22 4.74
N SER A 304 9.77 -0.55 4.47
CA SER A 304 10.45 -0.11 3.22
C SER A 304 9.82 -0.64 1.95
N TRP A 305 9.52 -1.92 1.92
CA TRP A 305 8.89 -2.55 0.77
C TRP A 305 7.59 -1.88 0.45
N GLN A 306 6.89 -1.49 1.50
CA GLN A 306 5.60 -0.84 1.40
C GLN A 306 5.59 0.57 0.87
N ARG A 307 6.55 1.41 1.25
CA ARG A 307 6.56 2.80 0.78
C ARG A 307 7.42 2.99 -0.47
N ARG A 308 8.67 2.55 -0.38
CA ARG A 308 9.62 2.68 -1.47
C ARG A 308 9.50 1.57 -2.51
N ARG A 309 8.28 1.08 -2.73
CA ARG A 309 8.05 0.02 -3.71
C ARG A 309 8.61 0.31 -5.12
N HIS A 310 8.36 1.51 -5.63
CA HIS A 310 8.82 1.89 -6.96
C HIS A 310 9.97 2.85 -6.90
N HIS A 311 10.79 2.80 -5.87
CA HIS A 311 11.88 3.77 -5.80
C HIS A 311 13.26 3.24 -6.19
N MET A 312 13.32 2.00 -6.66
CA MET A 312 14.61 1.46 -7.08
C MET A 312 15.05 2.15 -8.39
N ILE A 313 16.31 2.56 -8.41
CA ILE A 313 16.87 3.29 -9.54
C ILE A 313 17.49 2.37 -10.56
N THR A 314 18.49 1.61 -10.14
CA THR A 314 19.16 0.75 -11.08
C THR A 314 19.78 -0.52 -10.47
N GLY A 315 19.72 -1.63 -11.20
CA GLY A 315 20.31 -2.88 -10.74
C GLY A 315 21.07 -3.51 -11.90
N ARG A 316 21.70 -4.65 -11.68
CA ARG A 316 22.41 -5.33 -12.76
C ARG A 316 22.24 -6.81 -12.61
N MET A 317 21.84 -7.48 -13.69
CA MET A 317 21.70 -8.93 -13.69
C MET A 317 22.88 -9.60 -14.37
N ASP A 318 23.27 -10.76 -13.86
CA ASP A 318 24.38 -11.51 -14.44
C ASP A 318 23.85 -12.78 -15.05
N PHE A 319 24.11 -12.94 -16.35
CA PHE A 319 23.62 -14.07 -17.14
C PHE A 319 24.68 -14.91 -17.84
N CYS A 320 24.28 -16.13 -18.14
CA CYS A 320 25.11 -17.00 -18.97
C CYS A 320 24.20 -17.05 -20.18
N MET A 321 24.74 -16.74 -21.35
CA MET A 321 23.97 -16.78 -22.60
C MET A 321 24.80 -17.51 -23.65
N ASP A 322 24.15 -18.41 -24.39
CA ASP A 322 24.83 -19.16 -25.44
C ASP A 322 23.81 -20.07 -26.05
N GLU A 323 24.21 -20.93 -26.97
CA GLU A 323 23.27 -21.83 -27.62
C GLU A 323 22.38 -22.55 -26.63
N ARG A 324 22.89 -22.86 -25.45
CA ARG A 324 22.10 -23.55 -24.45
C ARG A 324 20.92 -22.74 -23.95
N GLY A 325 20.95 -21.42 -24.14
CA GLY A 325 19.87 -20.60 -23.62
C GLY A 325 20.33 -19.54 -22.61
N LEU A 326 19.41 -19.02 -21.80
CA LEU A 326 19.69 -17.93 -20.85
C LEU A 326 19.50 -18.28 -19.39
N LYS A 327 20.56 -18.12 -18.58
CA LYS A 327 20.50 -18.41 -17.14
C LYS A 327 20.96 -17.20 -16.38
N VAL A 328 20.34 -16.95 -15.24
CA VAL A 328 20.72 -15.82 -14.42
C VAL A 328 21.40 -16.30 -13.13
N TYR A 329 22.62 -15.82 -12.89
CA TYR A 329 23.39 -16.19 -11.68
C TYR A 329 22.93 -15.35 -10.50
N GLU A 330 22.94 -14.03 -10.63
CA GLU A 330 22.50 -13.14 -9.54
C GLU A 330 21.85 -11.84 -10.07
N TYR A 331 21.32 -11.02 -9.16
CA TYR A 331 20.72 -9.72 -9.51
C TYR A 331 21.25 -8.66 -8.54
N ASN A 332 22.33 -7.98 -8.88
CA ASN A 332 22.84 -7.00 -7.95
C ASN A 332 21.90 -5.77 -7.89
N ALA A 333 20.95 -5.81 -6.95
CA ALA A 333 19.95 -4.75 -6.81
C ALA A 333 20.23 -3.71 -5.76
N ASP A 334 21.20 -3.95 -4.88
CA ASP A 334 21.53 -2.99 -3.82
C ASP A 334 22.46 -1.91 -4.38
N SER A 335 23.65 -2.33 -4.80
CA SER A 335 24.66 -1.43 -5.34
C SER A 335 25.34 -2.15 -6.50
N ALA A 336 25.18 -1.64 -7.70
CA ALA A 336 25.82 -2.29 -8.84
C ALA A 336 26.65 -1.26 -9.60
N SER A 337 27.71 -1.71 -10.22
CA SER A 337 28.54 -0.81 -10.96
C SER A 337 28.56 -1.19 -12.44
N CYS A 338 29.56 -0.69 -13.18
CA CYS A 338 29.69 -0.94 -14.60
C CYS A 338 28.83 0.02 -15.43
N HIS A 339 28.12 0.92 -14.78
CA HIS A 339 27.27 1.88 -15.50
C HIS A 339 28.11 2.83 -16.39
N THR A 340 29.24 3.31 -15.84
CA THR A 340 30.11 4.21 -16.58
C THR A 340 30.77 3.45 -17.73
N GLU A 341 31.23 2.24 -17.43
CA GLU A 341 31.90 1.45 -18.46
C GLU A 341 31.02 1.29 -19.69
N ALA A 342 29.85 0.69 -19.48
CA ALA A 342 28.90 0.40 -20.53
C ALA A 342 28.24 1.59 -21.23
N GLY A 343 27.74 2.51 -20.42
CA GLY A 343 27.02 3.63 -20.98
C GLY A 343 27.78 4.86 -21.38
N LEU A 344 29.10 4.82 -21.27
CA LEU A 344 29.89 5.97 -21.66
C LEU A 344 31.26 5.62 -22.26
N ILE A 345 32.04 4.85 -21.52
CA ILE A 345 33.35 4.50 -22.04
C ILE A 345 33.19 3.69 -23.33
N LEU A 346 32.27 2.73 -23.35
CA LEU A 346 32.10 1.95 -24.58
C LEU A 346 31.54 2.85 -25.68
N GLU A 347 30.73 3.83 -25.31
CA GLU A 347 30.23 4.80 -26.27
C GLU A 347 31.46 5.47 -26.89
N ARG A 348 32.39 5.90 -26.04
CA ARG A 348 33.61 6.54 -26.54
C ARG A 348 34.38 5.59 -27.44
N TRP A 349 34.52 4.33 -27.02
CA TRP A 349 35.21 3.31 -27.81
C TRP A 349 34.65 3.21 -29.25
N ALA A 350 33.33 3.05 -29.34
CA ALA A 350 32.68 2.98 -30.63
C ALA A 350 32.91 4.28 -31.42
N GLU A 351 32.39 5.39 -30.90
CA GLU A 351 32.53 6.68 -31.55
C GLU A 351 33.95 6.88 -31.97
N GLN A 352 34.87 6.10 -31.39
CA GLN A 352 36.29 6.24 -31.68
C GLN A 352 36.91 5.25 -32.65
N GLY A 353 36.50 3.99 -32.55
CA GLY A 353 37.05 2.97 -33.41
C GLY A 353 36.09 2.05 -34.18
N TYR A 354 34.80 2.30 -34.05
CA TYR A 354 33.81 1.48 -34.75
C TYR A 354 33.08 2.31 -35.80
N LYS A 355 32.74 1.67 -36.89
CA LYS A 355 32.06 2.30 -38.01
C LYS A 355 31.07 1.36 -38.68
N GLY A 356 30.78 0.24 -38.02
CA GLY A 356 29.86 -0.74 -38.55
C GLY A 356 28.41 -0.33 -38.41
N ASN A 357 27.51 -1.28 -38.55
CA ASN A 357 26.10 -0.95 -38.45
C ASN A 357 25.53 -1.24 -37.07
N GLY A 358 26.20 -2.11 -36.33
CA GLY A 358 25.72 -2.42 -34.98
C GLY A 358 25.69 -1.20 -34.06
N PHE A 359 25.33 -1.40 -32.79
CA PHE A 359 25.25 -0.29 -31.83
C PHE A 359 25.62 -0.70 -30.42
N ASN A 360 25.68 0.29 -29.55
CA ASN A 360 26.02 0.09 -28.16
C ASN A 360 24.71 -0.17 -27.45
N PRO A 361 24.59 -1.43 -26.99
CA PRO A 361 23.33 -1.75 -26.29
C PRO A 361 23.11 -0.89 -24.97
N ALA A 362 24.13 -0.18 -24.51
CA ALA A 362 23.95 0.60 -23.31
C ALA A 362 23.90 2.13 -23.53
N GLU A 363 23.96 2.56 -24.78
CA GLU A 363 24.08 3.99 -25.09
C GLU A 363 23.21 5.00 -24.32
N GLY A 364 21.94 4.71 -24.04
CA GLY A 364 21.16 5.69 -23.29
C GLY A 364 21.12 5.63 -21.76
N LEU A 365 21.92 4.77 -21.12
CA LEU A 365 21.93 4.70 -19.64
C LEU A 365 21.74 6.05 -18.95
N ILE A 366 22.62 7.00 -19.25
CA ILE A 366 22.54 8.29 -18.61
C ILE A 366 21.17 8.88 -18.80
N ASN A 367 20.62 8.77 -20.00
CA ASN A 367 19.31 9.36 -20.23
C ASN A 367 18.21 8.62 -19.48
N GLU A 368 18.23 7.29 -19.52
CA GLU A 368 17.15 6.60 -18.84
C GLU A 368 17.31 6.72 -17.34
N LEU A 369 18.55 6.99 -16.93
CA LEU A 369 18.95 7.17 -15.54
C LEU A 369 18.27 8.42 -14.97
N ALA A 370 18.44 9.52 -15.71
CA ALA A 370 17.86 10.80 -15.37
C ALA A 370 16.35 10.59 -15.29
N GLY A 371 15.89 9.69 -16.15
CA GLY A 371 14.49 9.34 -16.21
C GLY A 371 14.01 8.87 -14.87
N ALA A 372 14.47 7.68 -14.47
CA ALA A 372 14.07 7.10 -13.20
C ALA A 372 14.21 8.06 -12.00
N TRP A 373 15.16 9.00 -12.09
CA TRP A 373 15.35 9.98 -11.03
C TRP A 373 14.23 11.01 -11.11
N LYS A 374 14.01 11.55 -12.29
CA LYS A 374 12.94 12.53 -12.45
C LYS A 374 11.65 12.01 -11.86
N HIS A 375 11.42 10.71 -11.96
CA HIS A 375 10.18 10.19 -11.44
C HIS A 375 10.30 9.55 -10.07
N SER A 376 11.44 9.68 -9.43
CA SER A 376 11.56 9.11 -8.08
C SER A 376 10.99 10.18 -7.15
N ARG A 377 10.56 9.78 -5.96
CA ARG A 377 10.04 10.78 -5.03
C ARG A 377 11.25 11.45 -4.32
N ALA A 378 12.32 11.67 -5.08
CA ALA A 378 13.56 12.21 -4.55
C ALA A 378 13.50 13.63 -4.10
N ARG A 379 14.29 13.93 -3.09
CA ARG A 379 14.32 15.28 -2.56
C ARG A 379 15.22 16.19 -3.41
N PRO A 380 14.98 17.51 -3.39
CA PRO A 380 15.77 18.48 -4.17
C PRO A 380 17.29 18.40 -4.06
N PHE A 381 17.83 18.28 -2.85
CA PHE A 381 19.28 18.18 -2.73
C PHE A 381 19.68 16.78 -2.29
N VAL A 382 20.48 16.12 -3.12
CA VAL A 382 20.87 14.75 -2.80
C VAL A 382 22.32 14.57 -2.53
N HIS A 383 22.64 14.05 -1.37
CA HIS A 383 24.02 13.81 -1.08
C HIS A 383 24.44 12.46 -1.66
N ILE A 384 25.52 12.48 -2.41
CA ILE A 384 26.01 11.27 -2.99
C ILE A 384 27.03 10.75 -1.98
N MET A 385 26.95 9.48 -1.65
CA MET A 385 27.89 8.92 -0.67
C MET A 385 28.71 7.80 -1.24
N GLN A 386 29.99 8.07 -1.46
CA GLN A 386 30.84 7.03 -1.97
C GLN A 386 31.91 6.77 -0.94
N ASP A 387 32.71 5.74 -1.22
CA ASP A 387 33.81 5.34 -0.38
C ASP A 387 35.05 5.94 -1.05
N LYS A 388 36.10 6.20 -0.28
CA LYS A 388 37.32 6.76 -0.86
C LYS A 388 38.11 5.73 -1.66
N ASP A 389 37.67 5.52 -2.89
CA ASP A 389 38.26 4.62 -3.85
C ASP A 389 38.40 5.46 -5.12
N ILE A 390 39.61 5.66 -5.59
CA ILE A 390 39.78 6.42 -6.80
C ILE A 390 38.92 5.77 -7.90
N GLU A 391 38.42 4.56 -7.63
CA GLU A 391 37.64 3.85 -8.62
C GLU A 391 36.16 4.11 -8.51
N GLU A 392 35.70 4.54 -7.35
CA GLU A 392 34.28 4.79 -7.21
C GLU A 392 33.94 6.18 -7.71
N ASN A 393 34.95 7.03 -7.78
CA ASN A 393 34.79 8.41 -8.21
C ASN A 393 33.98 8.61 -9.49
N TYR A 394 34.27 7.84 -10.53
CA TYR A 394 33.53 8.01 -11.76
C TYR A 394 32.15 7.37 -11.73
N HIS A 395 31.94 6.43 -10.83
CA HIS A 395 30.64 5.78 -10.74
C HIS A 395 29.72 6.73 -9.95
N ALA A 396 30.35 7.61 -9.18
CA ALA A 396 29.61 8.57 -8.39
C ALA A 396 29.26 9.71 -9.30
N GLN A 397 30.29 10.21 -9.96
CA GLN A 397 30.14 11.32 -10.85
C GLN A 397 29.25 11.04 -12.05
N PHE A 398 29.26 9.79 -12.51
CA PHE A 398 28.47 9.38 -13.64
C PHE A 398 27.03 9.49 -13.16
N MET A 399 26.79 8.98 -11.95
CA MET A 399 25.45 9.05 -11.37
C MET A 399 25.09 10.50 -11.06
N GLU A 400 26.11 11.33 -10.83
CA GLU A 400 25.87 12.73 -10.51
C GLU A 400 25.29 13.41 -11.73
N GLN A 401 25.76 13.00 -12.90
CA GLN A 401 25.26 13.60 -14.13
C GLN A 401 23.77 13.34 -14.32
N ALA A 402 23.33 12.11 -14.09
CA ALA A 402 21.93 11.80 -14.25
C ALA A 402 21.09 12.62 -13.26
N LEU A 403 21.56 12.73 -12.02
CA LEU A 403 20.83 13.49 -11.02
C LEU A 403 20.75 14.92 -11.54
N HIS A 404 21.88 15.45 -11.97
CA HIS A 404 21.92 16.80 -12.45
C HIS A 404 20.98 17.01 -13.62
N GLN A 405 20.87 16.01 -14.49
CA GLN A 405 20.02 16.10 -15.65
C GLN A 405 18.55 16.00 -15.29
N ALA A 406 18.27 15.27 -14.22
CA ALA A 406 16.90 15.11 -13.76
C ALA A 406 16.56 16.35 -12.92
N GLY A 407 17.55 17.22 -12.77
CA GLY A 407 17.38 18.45 -12.03
C GLY A 407 17.56 18.39 -10.52
N PHE A 408 18.67 17.85 -10.09
CA PHE A 408 18.89 17.77 -8.66
C PHE A 408 20.18 18.48 -8.31
N GLU A 409 20.33 18.78 -7.02
CA GLU A 409 21.54 19.42 -6.55
C GLU A 409 22.26 18.33 -5.81
N THR A 410 23.55 18.24 -6.03
CA THR A 410 24.29 17.20 -5.41
C THR A 410 25.56 17.70 -4.80
N ARG A 411 26.15 16.84 -3.97
CA ARG A 411 27.43 17.09 -3.35
C ARG A 411 27.93 15.69 -3.06
N ILE A 412 29.06 15.31 -3.62
CA ILE A 412 29.58 13.99 -3.38
C ILE A 412 30.26 13.95 -2.03
N LEU A 413 30.10 12.84 -1.31
CA LEU A 413 30.71 12.66 0.00
C LEU A 413 31.65 11.48 -0.13
N ARG A 414 32.95 11.74 -0.05
CA ARG A 414 33.95 10.68 -0.13
C ARG A 414 34.37 10.23 1.27
N GLY A 415 33.85 9.09 1.73
CA GLY A 415 34.16 8.63 3.06
C GLY A 415 33.16 9.25 4.03
N LEU A 416 33.47 9.28 5.31
CA LEU A 416 32.54 9.81 6.30
C LEU A 416 33.09 10.94 7.17
N ASP A 417 34.34 11.35 6.94
CA ASP A 417 34.94 12.42 7.74
C ASP A 417 34.19 13.73 7.71
N GLU A 418 33.59 14.04 6.57
CA GLU A 418 32.85 15.27 6.42
C GLU A 418 31.55 15.31 7.18
N LEU A 419 31.01 14.15 7.58
CA LEU A 419 29.75 14.14 8.34
C LEU A 419 29.91 14.49 9.82
N GLY A 420 28.90 15.14 10.38
CA GLY A 420 28.90 15.50 11.79
C GLY A 420 27.49 15.85 12.23
N TRP A 421 27.28 16.07 13.53
CA TRP A 421 25.95 16.40 14.06
C TRP A 421 25.81 17.82 14.64
N ASP A 422 24.59 18.35 14.58
CA ASP A 422 24.28 19.66 15.15
C ASP A 422 24.32 19.47 16.68
N ALA A 423 24.02 20.54 17.42
CA ALA A 423 24.01 20.43 18.88
C ALA A 423 22.87 19.50 19.32
N ALA A 424 21.76 19.49 18.54
CA ALA A 424 20.57 18.67 18.81
C ALA A 424 20.76 17.20 18.40
N GLY A 425 21.48 16.98 17.30
CA GLY A 425 21.73 15.63 16.85
C GLY A 425 21.41 15.37 15.39
N GLN A 426 21.21 16.42 14.62
CA GLN A 426 20.88 16.25 13.22
C GLN A 426 22.11 16.08 12.32
N LEU A 427 21.99 15.21 11.31
CA LEU A 427 23.08 14.95 10.38
C LEU A 427 23.31 16.12 9.46
N ILE A 428 24.56 16.54 9.36
CA ILE A 428 24.93 17.67 8.55
C ILE A 428 26.21 17.34 7.81
N ASP A 429 26.40 17.95 6.65
CA ASP A 429 27.59 17.70 5.87
C ASP A 429 28.69 18.72 6.17
N GLY A 430 29.78 18.67 5.40
CA GLY A 430 30.88 19.59 5.59
C GLY A 430 30.43 21.04 5.69
N GLU A 431 29.79 21.53 4.62
CA GLU A 431 29.31 22.91 4.57
C GLU A 431 28.13 23.17 5.51
N GLY A 432 28.01 22.31 6.53
CA GLY A 432 26.95 22.46 7.50
C GLY A 432 25.53 22.16 7.08
N ARG A 433 25.26 21.90 5.82
CA ARG A 433 23.89 21.63 5.44
C ARG A 433 23.33 20.28 5.94
N LEU A 434 22.00 20.20 6.01
CA LEU A 434 21.35 18.98 6.43
C LEU A 434 21.47 17.86 5.38
N VAL A 435 21.79 16.67 5.85
CA VAL A 435 21.88 15.50 4.97
C VAL A 435 20.53 14.85 5.15
N ASN A 436 19.64 14.95 4.16
CA ASN A 436 18.32 14.35 4.30
C ASN A 436 18.04 13.27 3.26
N CYS A 437 18.73 13.34 2.14
CA CYS A 437 18.50 12.40 1.06
C CYS A 437 19.86 11.85 0.66
N VAL A 438 19.93 10.59 0.23
CA VAL A 438 21.23 10.03 -0.15
C VAL A 438 21.29 8.90 -1.19
N TRP A 439 22.23 9.00 -2.13
CA TRP A 439 22.45 7.93 -3.10
C TRP A 439 23.79 7.31 -2.64
N LYS A 440 23.70 6.09 -2.15
CA LYS A 440 24.85 5.40 -1.62
C LYS A 440 25.48 4.47 -2.62
N THR A 441 26.78 4.36 -2.48
CA THR A 441 27.59 3.48 -3.30
C THR A 441 27.79 2.25 -2.41
N TRP A 442 27.83 2.50 -1.12
CA TRP A 442 28.01 1.49 -0.12
C TRP A 442 26.91 0.45 -0.23
N ALA A 443 27.23 -0.79 0.15
CA ALA A 443 26.26 -1.88 0.15
C ALA A 443 25.62 -1.89 1.53
N TRP A 444 24.31 -2.09 1.59
CA TRP A 444 23.64 -2.12 2.87
C TRP A 444 24.31 -3.08 3.86
N GLU A 445 24.68 -4.27 3.40
CA GLU A 445 25.31 -5.23 4.29
C GLU A 445 26.44 -4.60 5.13
N THR A 446 27.13 -3.62 4.56
CA THR A 446 28.21 -2.98 5.28
C THR A 446 27.62 -2.33 6.51
N ALA A 447 26.44 -1.73 6.34
CA ALA A 447 25.76 -1.05 7.43
C ALA A 447 25.17 -2.07 8.38
N PHE A 448 24.71 -3.20 7.85
CA PHE A 448 24.12 -4.25 8.67
C PHE A 448 25.21 -4.79 9.55
N ASP A 449 26.43 -4.76 9.04
CA ASP A 449 27.56 -5.28 9.78
C ASP A 449 27.80 -4.47 11.03
N GLN A 450 27.56 -3.17 10.92
CA GLN A 450 27.75 -2.29 12.06
C GLN A 450 26.63 -2.51 13.09
N ILE A 451 25.81 -3.54 12.90
CA ILE A 451 24.72 -3.82 13.83
C ILE A 451 25.07 -5.10 14.51
N ARG A 452 25.82 -5.93 13.77
CA ARG A 452 26.22 -7.28 14.29
C ARG A 452 27.34 -7.18 15.45
N GLU A 453 27.78 -5.98 15.66
CA GLU A 453 28.80 -5.71 16.70
C GLU A 453 28.25 -5.09 18.03
N PHE A 459 19.98 -4.64 21.97
CA PHE A 459 19.39 -3.26 22.00
C PHE A 459 17.89 -3.31 21.79
N ALA A 460 17.27 -2.14 21.76
CA ALA A 460 15.81 -2.05 21.57
C ALA A 460 15.32 -1.25 20.37
N ALA A 461 16.18 -1.08 19.38
CA ALA A 461 15.89 -0.36 18.16
C ALA A 461 17.22 -0.35 17.47
N VAL A 462 17.29 0.09 16.23
CA VAL A 462 18.57 0.10 15.56
C VAL A 462 19.51 0.99 16.39
N PRO A 463 20.73 0.48 16.65
CA PRO A 463 21.72 1.20 17.44
C PRO A 463 22.50 2.27 16.67
N ILE A 464 21.91 3.43 16.44
CA ILE A 464 22.62 4.47 15.70
C ILE A 464 22.99 5.61 16.61
N ARG A 465 23.98 6.40 16.18
CA ARG A 465 24.42 7.55 16.94
C ARG A 465 23.70 8.78 16.45
N THR A 466 23.20 9.59 17.39
CA THR A 466 22.54 10.85 17.08
C THR A 466 23.36 11.93 17.75
N GLY A 467 24.57 11.54 18.15
CA GLY A 467 25.51 12.42 18.82
C GLY A 467 26.74 11.61 19.17
N HIS A 468 27.89 12.29 19.33
CA HIS A 468 29.15 11.63 19.67
C HIS A 468 30.26 12.65 19.92
N PRO A 469 31.00 12.50 21.03
CA PRO A 469 32.10 13.39 21.43
C PRO A 469 32.92 13.91 20.25
N GLN A 470 33.62 12.98 19.59
CA GLN A 470 34.49 13.25 18.45
C GLN A 470 33.72 13.53 17.19
N ASN A 471 32.40 13.64 17.32
CA ASN A 471 31.58 13.92 16.16
C ASN A 471 32.02 12.93 15.07
N GLU A 472 31.99 11.66 15.43
CA GLU A 472 32.37 10.58 14.52
C GLU A 472 31.13 9.83 14.06
N VAL A 473 30.68 10.15 12.84
CA VAL A 473 29.48 9.54 12.22
C VAL A 473 29.83 8.24 11.47
N ARG A 474 29.11 7.15 11.75
CA ARG A 474 29.37 5.90 11.05
C ARG A 474 28.46 5.80 9.84
N LEU A 475 28.69 4.80 8.98
CA LEU A 475 27.86 4.61 7.80
C LEU A 475 26.39 4.44 8.24
N ILE A 476 26.19 3.52 9.17
CA ILE A 476 24.86 3.22 9.65
C ILE A 476 24.21 4.40 10.29
N ASP A 477 25.00 5.30 10.83
CA ASP A 477 24.45 6.49 11.49
C ASP A 477 23.80 7.42 10.45
N VAL A 478 23.95 7.07 9.17
CA VAL A 478 23.31 7.87 8.13
C VAL A 478 22.15 7.09 7.43
N LEU A 479 22.47 5.93 6.89
CA LEU A 479 21.49 5.12 6.18
C LEU A 479 20.30 4.73 6.99
N LEU A 480 20.44 4.56 8.30
CA LEU A 480 19.28 4.16 9.09
C LEU A 480 18.64 5.26 9.96
N ARG A 481 19.00 6.48 9.63
CA ARG A 481 18.48 7.67 10.27
C ARG A 481 17.08 7.71 9.63
N PRO A 482 16.02 7.74 10.44
CA PRO A 482 14.69 7.75 9.86
C PRO A 482 14.34 8.84 8.86
N GLU A 483 14.81 10.07 9.08
CA GLU A 483 14.55 11.23 8.20
C GLU A 483 15.39 11.20 6.91
N VAL A 484 16.45 10.38 6.89
CA VAL A 484 17.31 10.26 5.72
C VAL A 484 16.71 9.31 4.66
N LEU A 485 16.34 9.85 3.49
CA LEU A 485 15.74 9.09 2.38
C LEU A 485 16.82 8.59 1.44
N VAL A 486 17.05 7.29 1.48
CA VAL A 486 18.12 6.66 0.73
C VAL A 486 17.76 5.86 -0.51
N PHE A 487 18.72 5.79 -1.41
CA PHE A 487 18.64 5.10 -2.67
C PHE A 487 19.88 4.23 -2.72
N GLU A 488 19.76 2.93 -2.97
CA GLU A 488 18.49 2.22 -3.19
C GLU A 488 17.83 2.01 -1.84
N PRO A 489 16.52 1.78 -1.86
CA PRO A 489 15.70 1.54 -0.66
C PRO A 489 16.16 0.33 0.09
N LEU A 490 15.89 0.32 1.39
CA LEU A 490 16.29 -0.78 2.26
C LEU A 490 15.92 -2.16 1.73
N TRP A 491 14.65 -2.34 1.38
CA TRP A 491 14.20 -3.63 0.89
C TRP A 491 15.06 -4.25 -0.22
N THR A 492 15.76 -3.45 -1.02
CA THR A 492 16.53 -4.06 -2.09
C THR A 492 17.55 -5.02 -1.57
N VAL A 493 17.82 -5.03 -0.27
CA VAL A 493 18.80 -6.01 0.17
C VAL A 493 18.28 -7.41 -0.07
N ILE A 494 16.97 -7.58 0.07
CA ILE A 494 16.39 -8.88 -0.13
C ILE A 494 16.70 -9.48 -1.50
N PRO A 495 16.25 -8.84 -2.61
CA PRO A 495 16.54 -9.39 -3.93
C PRO A 495 18.07 -9.51 -4.18
N GLY A 496 18.81 -8.63 -3.53
CA GLY A 496 20.25 -8.64 -3.70
C GLY A 496 20.95 -9.72 -2.92
N ASN A 497 20.26 -10.33 -1.96
CA ASN A 497 20.84 -11.40 -1.18
C ASN A 497 20.56 -12.69 -1.92
N LYS A 498 21.53 -13.59 -2.01
CA LYS A 498 21.29 -14.84 -2.71
C LYS A 498 20.47 -15.86 -1.95
N ALA A 499 19.96 -15.55 -0.78
CA ALA A 499 19.16 -16.56 -0.11
C ALA A 499 17.84 -16.57 -0.89
N ILE A 500 17.67 -15.54 -1.73
CA ILE A 500 16.46 -15.42 -2.52
C ILE A 500 16.50 -16.43 -3.66
N LEU A 501 17.67 -16.90 -4.06
CA LEU A 501 17.70 -17.85 -5.17
C LEU A 501 16.88 -19.10 -4.91
N PRO A 502 17.07 -19.74 -3.74
CA PRO A 502 16.27 -20.94 -3.46
C PRO A 502 14.78 -20.59 -3.48
N ILE A 503 14.44 -19.47 -2.85
CA ILE A 503 13.05 -19.03 -2.79
C ILE A 503 12.49 -18.94 -4.21
N LEU A 504 13.20 -18.18 -5.05
CA LEU A 504 12.83 -17.95 -6.44
C LEU A 504 12.65 -19.30 -7.15
N TRP A 505 13.52 -20.26 -6.83
CA TRP A 505 13.44 -21.60 -7.41
C TRP A 505 12.14 -22.26 -6.98
N SER A 506 11.87 -22.14 -5.69
CA SER A 506 10.66 -22.71 -5.13
C SER A 506 9.39 -22.19 -5.78
N LEU A 507 9.34 -20.87 -6.01
CA LEU A 507 8.17 -20.22 -6.62
C LEU A 507 7.97 -20.44 -8.10
N PHE A 508 9.07 -20.54 -8.82
CA PHE A 508 9.06 -20.69 -10.27
C PHE A 508 9.90 -21.89 -10.71
N PRO A 509 9.53 -23.10 -10.26
CA PRO A 509 10.20 -24.38 -10.56
C PRO A 509 10.58 -24.56 -12.01
N HIS A 510 11.79 -25.01 -12.26
CA HIS A 510 12.24 -25.24 -13.64
C HIS A 510 11.92 -24.12 -14.61
N HIS A 511 11.91 -22.92 -14.07
CA HIS A 511 11.65 -21.76 -14.86
C HIS A 511 12.73 -21.67 -15.90
N ARG A 512 12.30 -21.27 -17.08
CA ARG A 512 13.14 -21.08 -18.25
C ARG A 512 14.53 -20.51 -17.96
N TYR A 513 14.59 -19.44 -17.15
CA TYR A 513 15.85 -18.77 -16.83
C TYR A 513 16.51 -19.09 -15.48
N LEU A 514 15.79 -19.72 -14.56
CA LEU A 514 16.34 -19.98 -13.24
C LEU A 514 17.26 -21.19 -13.20
N LEU A 515 18.12 -21.22 -12.19
CA LEU A 515 19.06 -22.31 -11.97
C LEU A 515 18.79 -22.95 -10.61
N ASP A 516 18.82 -24.28 -10.54
CA ASP A 516 18.53 -25.00 -9.29
C ASP A 516 19.42 -24.53 -8.13
N THR A 517 18.86 -23.76 -7.22
CA THR A 517 19.66 -23.28 -6.11
C THR A 517 19.01 -23.71 -4.81
N ASP A 518 19.80 -24.28 -3.92
CA ASP A 518 19.29 -24.76 -2.64
C ASP A 518 20.26 -24.35 -1.54
N PHE A 519 19.90 -24.63 -0.29
CA PHE A 519 20.74 -24.33 0.85
C PHE A 519 21.60 -25.52 1.31
N THR A 520 21.55 -26.61 0.54
CA THR A 520 22.32 -27.83 0.79
C THR A 520 22.57 -28.47 -0.55
N VAL A 521 23.50 -29.41 -0.62
CA VAL A 521 23.78 -30.04 -1.89
C VAL A 521 22.88 -31.24 -2.08
N ASN A 522 21.68 -30.98 -2.62
CA ASN A 522 20.73 -32.05 -2.81
C ASN A 522 21.15 -32.94 -3.93
N ASP A 523 20.50 -34.10 -4.00
CA ASP A 523 20.77 -35.10 -5.03
C ASP A 523 20.97 -34.50 -6.41
N GLU A 524 19.95 -33.83 -6.93
CA GLU A 524 20.04 -33.22 -8.25
C GLU A 524 21.28 -32.35 -8.43
N LEU A 525 21.56 -31.46 -7.49
CA LEU A 525 22.76 -30.62 -7.62
C LEU A 525 24.05 -31.41 -7.57
N VAL A 526 24.00 -32.62 -7.02
CA VAL A 526 25.20 -33.42 -6.96
C VAL A 526 25.51 -33.86 -8.37
N LYS A 527 24.44 -34.18 -9.10
CA LYS A 527 24.55 -34.65 -10.47
C LYS A 527 25.10 -33.60 -11.42
N THR A 528 24.62 -32.37 -11.32
CA THR A 528 25.07 -31.33 -12.24
C THR A 528 26.37 -30.67 -11.85
N GLY A 529 26.65 -30.63 -10.57
CA GLY A 529 27.81 -29.88 -10.14
C GLY A 529 27.17 -28.54 -9.79
N TYR A 530 27.84 -27.71 -8.98
CA TYR A 530 27.21 -26.45 -8.56
C TYR A 530 28.21 -25.41 -8.10
N ALA A 531 27.70 -24.20 -7.93
CA ALA A 531 28.50 -23.11 -7.45
C ALA A 531 28.20 -22.93 -5.94
N VAL A 532 29.24 -22.77 -5.12
CA VAL A 532 29.05 -22.53 -3.69
C VAL A 532 29.19 -21.02 -3.64
N LYS A 533 28.22 -20.36 -3.03
CA LYS A 533 28.28 -18.91 -3.00
C LYS A 533 27.68 -18.29 -1.75
N PRO A 534 28.37 -17.30 -1.17
CA PRO A 534 27.84 -16.66 0.03
C PRO A 534 26.60 -15.90 -0.31
N ILE A 535 25.63 -15.85 0.62
CA ILE A 535 24.36 -15.14 0.38
C ILE A 535 24.50 -13.64 0.29
N ALA A 536 25.48 -13.08 0.98
CA ALA A 536 25.66 -11.64 0.93
C ALA A 536 27.07 -11.19 0.45
N GLY A 537 27.66 -11.91 -0.50
CA GLY A 537 28.98 -11.57 -1.02
C GLY A 537 28.90 -10.88 -2.37
N ARG A 538 30.03 -10.40 -2.86
CA ARG A 538 30.11 -9.72 -4.13
C ARG A 538 31.54 -9.85 -4.61
N CYS A 539 31.83 -9.25 -5.77
CA CYS A 539 33.17 -9.28 -6.38
C CYS A 539 33.63 -10.67 -6.85
N GLY A 540 32.79 -11.67 -6.64
CA GLY A 540 33.12 -13.06 -6.98
C GLY A 540 34.04 -13.64 -5.92
N SER A 541 33.76 -13.29 -4.67
CA SER A 541 34.57 -13.73 -3.56
C SER A 541 34.02 -14.97 -2.94
N ASN A 542 34.93 -15.87 -2.60
CA ASN A 542 34.60 -17.12 -1.93
C ASN A 542 33.66 -17.96 -2.74
N ILE A 543 33.89 -18.05 -4.03
CA ILE A 543 33.04 -18.86 -4.88
C ILE A 543 33.74 -20.19 -5.13
N ASP A 544 32.98 -21.28 -5.12
CA ASP A 544 33.56 -22.60 -5.38
C ASP A 544 32.74 -23.34 -6.44
N LEU A 545 33.36 -23.60 -7.58
CA LEU A 545 32.71 -24.28 -8.69
C LEU A 545 33.09 -25.76 -8.75
N VAL A 546 32.19 -26.61 -8.27
CA VAL A 546 32.40 -28.04 -8.25
C VAL A 546 31.65 -28.76 -9.34
N SER A 547 32.32 -29.71 -9.98
CA SER A 547 31.75 -30.48 -11.08
C SER A 547 30.88 -31.67 -10.66
N HIS A 548 30.25 -32.30 -11.64
CA HIS A 548 29.43 -33.48 -11.37
C HIS A 548 30.41 -34.60 -11.01
N HIS A 549 31.65 -34.49 -11.51
CA HIS A 549 32.72 -35.45 -11.23
C HIS A 549 33.19 -35.18 -9.81
N GLU A 550 32.58 -34.15 -9.20
CA GLU A 550 32.89 -33.72 -7.84
C GLU A 550 34.29 -33.12 -7.72
N GLU A 551 34.72 -32.38 -8.75
CA GLU A 551 36.02 -31.72 -8.75
C GLU A 551 35.91 -30.20 -8.63
N VAL A 552 36.93 -29.57 -8.07
CA VAL A 552 36.90 -28.13 -7.89
C VAL A 552 37.47 -27.41 -9.09
N LEU A 553 36.57 -27.14 -10.05
CA LEU A 553 36.91 -26.44 -11.26
C LEU A 553 37.57 -25.11 -11.01
N ASP A 554 37.16 -24.43 -9.94
CA ASP A 554 37.71 -23.11 -9.61
C ASP A 554 37.28 -22.61 -8.23
N LYS A 555 38.13 -21.79 -7.63
CA LYS A 555 37.87 -21.22 -6.30
C LYS A 555 38.36 -19.78 -6.24
N THR A 556 37.77 -19.04 -5.31
CA THR A 556 38.17 -17.67 -5.10
C THR A 556 38.10 -17.40 -3.61
N SER A 557 39.12 -16.72 -3.11
CA SER A 557 39.22 -16.37 -1.70
C SER A 557 38.24 -15.20 -1.45
N GLY A 558 38.26 -14.61 -0.26
CA GLY A 558 37.36 -13.51 -0.02
C GLY A 558 37.17 -13.18 1.44
N LYS A 559 36.31 -12.21 1.75
CA LYS A 559 36.09 -11.87 3.16
C LYS A 559 34.76 -12.43 3.65
N PHE A 560 34.05 -13.17 2.80
CA PHE A 560 32.75 -13.72 3.17
C PHE A 560 32.75 -15.23 3.44
N ALA A 561 33.91 -15.80 3.68
CA ALA A 561 34.02 -17.22 3.92
C ALA A 561 33.07 -17.68 5.02
N GLU A 562 33.05 -16.94 6.11
CA GLU A 562 32.22 -17.29 7.26
C GLU A 562 30.69 -17.12 7.20
N GLN A 563 30.10 -16.64 6.10
CA GLN A 563 28.64 -16.50 6.09
C GLN A 563 27.92 -17.67 5.44
N LYS A 564 26.59 -17.64 5.45
CA LYS A 564 25.80 -18.72 4.88
C LYS A 564 25.93 -18.82 3.35
N ASN A 565 26.16 -20.01 2.84
CA ASN A 565 26.24 -20.20 1.39
C ASN A 565 24.90 -20.75 0.85
N ILE A 566 24.71 -20.62 -0.46
CA ILE A 566 23.56 -21.20 -1.13
C ILE A 566 24.34 -22.00 -2.14
N TYR A 567 23.76 -23.03 -2.77
CA TYR A 567 24.51 -23.83 -3.76
C TYR A 567 23.68 -23.83 -5.03
N GLN A 568 24.26 -23.31 -6.10
CA GLN A 568 23.52 -23.22 -7.35
C GLN A 568 24.04 -24.09 -8.48
N GLN A 569 23.11 -24.74 -9.16
CA GLN A 569 23.43 -25.62 -10.28
C GLN A 569 24.56 -25.06 -11.12
N LEU A 570 25.61 -25.85 -11.34
CA LEU A 570 26.72 -25.40 -12.18
C LEU A 570 26.20 -25.05 -13.58
N TRP A 571 26.82 -24.07 -14.23
CA TRP A 571 26.39 -23.66 -15.56
C TRP A 571 27.46 -22.67 -15.93
N CYS A 572 28.58 -23.23 -16.39
CA CYS A 572 29.76 -22.46 -16.75
C CYS A 572 29.58 -21.49 -17.89
N LEU A 573 30.25 -20.36 -17.78
CA LEU A 573 30.23 -19.35 -18.84
C LEU A 573 30.90 -19.91 -20.09
N PRO A 574 30.47 -19.45 -21.27
CA PRO A 574 31.05 -19.92 -22.52
C PRO A 574 32.39 -19.25 -22.74
N LYS A 575 33.28 -19.92 -23.44
CA LYS A 575 34.60 -19.37 -23.75
C LYS A 575 34.59 -18.86 -25.22
N VAL A 576 34.77 -17.57 -25.40
CA VAL A 576 34.77 -17.04 -26.75
C VAL A 576 35.98 -16.17 -27.06
N ASP A 577 36.76 -16.61 -28.02
CA ASP A 577 37.95 -15.86 -28.41
C ASP A 577 38.88 -15.69 -27.22
N GLY A 578 39.24 -16.82 -26.61
CA GLY A 578 40.17 -16.81 -25.49
C GLY A 578 39.68 -16.44 -24.09
N LYS A 579 38.53 -15.78 -24.00
CA LYS A 579 37.99 -15.36 -22.71
C LYS A 579 36.60 -15.90 -22.50
N TYR A 580 36.17 -15.93 -21.25
CA TYR A 580 34.81 -16.37 -20.88
C TYR A 580 33.97 -15.11 -20.83
N ILE A 581 32.84 -15.09 -21.54
CA ILE A 581 32.01 -13.91 -21.52
C ILE A 581 30.73 -14.10 -20.77
N GLN A 582 30.48 -13.20 -19.83
CA GLN A 582 29.26 -13.19 -19.04
C GLN A 582 28.47 -11.96 -19.51
N VAL A 583 27.17 -12.08 -19.74
CA VAL A 583 26.40 -10.93 -20.20
C VAL A 583 25.81 -10.19 -19.02
N CYS A 584 25.66 -8.88 -19.13
CA CYS A 584 25.06 -8.13 -18.02
C CYS A 584 24.04 -7.18 -18.53
N THR A 585 22.89 -7.11 -17.87
CA THR A 585 21.87 -6.17 -18.31
C THR A 585 21.58 -5.28 -17.13
N PHE A 586 21.37 -4.00 -17.41
CA PHE A 586 21.10 -3.07 -16.33
C PHE A 586 19.62 -2.94 -16.13
N THR A 587 19.19 -2.85 -14.90
CA THR A 587 17.78 -2.68 -14.69
C THR A 587 17.74 -1.23 -14.29
N VAL A 588 16.70 -0.50 -14.68
CA VAL A 588 16.61 0.90 -14.34
C VAL A 588 15.16 1.25 -14.11
N GLY A 589 14.82 1.50 -12.86
CA GLY A 589 13.44 1.77 -12.56
C GLY A 589 12.60 0.58 -12.99
N GLY A 590 13.19 -0.60 -12.82
CA GLY A 590 12.50 -1.83 -13.15
C GLY A 590 12.56 -2.37 -14.56
N ASN A 591 12.98 -1.56 -15.52
CA ASN A 591 13.04 -2.02 -16.90
C ASN A 591 14.43 -2.03 -17.49
N TYR A 592 14.61 -2.89 -18.49
CA TYR A 592 15.88 -3.01 -19.21
C TYR A 592 16.49 -1.69 -19.47
N GLY A 593 17.76 -1.58 -19.14
CA GLY A 593 18.49 -0.34 -19.33
C GLY A 593 19.70 -0.45 -20.23
N GLY A 594 19.99 -1.67 -20.68
CA GLY A 594 21.11 -1.89 -21.58
C GLY A 594 21.85 -3.15 -21.24
N THR A 595 22.80 -3.53 -22.09
CA THR A 595 23.61 -4.73 -21.88
C THR A 595 25.10 -4.42 -21.97
N CYS A 596 25.93 -5.26 -21.35
CA CYS A 596 27.37 -5.11 -21.41
C CYS A 596 27.95 -6.48 -21.10
N LEU A 597 29.24 -6.65 -21.42
CA LEU A 597 29.93 -7.93 -21.18
C LEU A 597 31.01 -7.80 -20.12
N ARG A 598 31.55 -8.94 -19.74
CA ARG A 598 32.64 -9.02 -18.77
C ARG A 598 33.29 -10.35 -19.10
N GLY A 599 34.58 -10.32 -19.44
CA GLY A 599 35.26 -11.55 -19.78
C GLY A 599 36.36 -11.83 -18.79
N ASP A 600 36.77 -13.09 -18.70
CA ASP A 600 37.86 -13.43 -17.79
C ASP A 600 38.55 -14.73 -18.17
N GLU A 601 39.84 -14.84 -17.82
CA GLU A 601 40.62 -16.02 -18.16
C GLU A 601 40.06 -17.21 -17.39
N SER A 602 39.16 -16.94 -16.44
CA SER A 602 38.55 -18.02 -15.67
C SER A 602 37.00 -18.04 -15.76
N LEU A 603 36.43 -19.16 -15.32
CA LEU A 603 34.98 -19.38 -15.33
C LEU A 603 34.33 -18.46 -14.34
N VAL A 604 35.15 -17.84 -13.49
CA VAL A 604 34.65 -16.93 -12.45
C VAL A 604 34.89 -15.46 -12.74
N ILE A 605 33.83 -14.67 -12.87
CA ILE A 605 34.02 -13.26 -13.12
C ILE A 605 34.26 -12.57 -11.79
N LYS A 606 35.19 -11.63 -11.78
CA LYS A 606 35.57 -10.89 -10.56
C LYS A 606 35.62 -9.36 -10.78
N LYS A 607 35.83 -8.61 -9.70
CA LYS A 607 35.88 -7.16 -9.78
C LYS A 607 36.99 -6.69 -10.72
N GLU A 608 37.98 -7.55 -10.97
CA GLU A 608 39.07 -7.18 -11.85
C GLU A 608 38.83 -7.57 -13.31
N SER A 609 37.84 -8.42 -13.55
CA SER A 609 37.54 -8.84 -14.90
C SER A 609 37.29 -7.58 -15.70
N ASP A 610 37.77 -7.50 -16.93
CA ASP A 610 37.55 -6.29 -17.72
C ASP A 610 36.19 -6.28 -18.38
N ILE A 611 35.86 -5.13 -18.96
CA ILE A 611 34.61 -4.96 -19.67
C ILE A 611 35.05 -5.21 -21.10
N GLU A 612 34.21 -5.88 -21.86
CA GLU A 612 34.50 -6.17 -23.25
C GLU A 612 33.48 -5.42 -24.08
N PRO A 613 33.92 -4.70 -25.12
CA PRO A 613 33.01 -3.95 -25.99
C PRO A 613 31.98 -4.85 -26.67
N LEU A 614 30.71 -4.52 -26.51
CA LEU A 614 29.64 -5.28 -27.12
C LEU A 614 28.94 -4.44 -28.17
N ILE A 615 28.39 -5.10 -29.18
CA ILE A 615 27.69 -4.40 -30.25
C ILE A 615 26.60 -5.30 -30.75
N PHE B 12 8.09 25.48 21.70
CA PHE B 12 7.26 24.45 21.00
C PHE B 12 7.91 23.91 19.75
N GLY B 13 8.05 22.60 19.72
CA GLY B 13 8.63 21.94 18.56
C GLY B 13 10.13 21.89 18.53
N THR B 14 10.80 22.67 19.36
CA THR B 14 12.25 22.64 19.37
C THR B 14 12.71 21.19 19.53
N LEU B 15 13.64 20.76 18.67
CA LEU B 15 14.14 19.40 18.75
C LEU B 15 15.00 19.35 20.00
N LEU B 16 14.75 18.40 20.88
CA LEU B 16 15.50 18.29 22.13
C LEU B 16 16.50 17.16 22.12
N GLY B 17 16.26 16.20 21.25
CA GLY B 17 17.16 15.05 21.18
C GLY B 17 16.44 13.90 20.50
N TYR B 18 16.95 12.67 20.66
CA TYR B 18 16.33 11.54 20.02
C TYR B 18 16.32 10.25 20.82
N ALA B 19 15.20 9.55 20.82
CA ALA B 19 15.12 8.27 21.50
C ALA B 19 15.89 7.25 20.64
N PRO B 20 16.06 6.01 21.13
CA PRO B 20 16.80 5.02 20.33
C PRO B 20 16.26 4.85 18.93
N GLY B 21 17.15 4.55 18.00
CA GLY B 21 16.72 4.39 16.64
C GLY B 21 16.56 5.71 15.91
N GLY B 22 16.68 6.80 16.66
CA GLY B 22 16.58 8.12 16.08
C GLY B 22 15.16 8.58 15.98
N VAL B 23 14.52 8.75 17.13
CA VAL B 23 13.15 9.19 17.17
C VAL B 23 13.12 10.54 17.82
N ALA B 24 12.81 11.57 17.06
CA ALA B 24 12.80 12.92 17.64
C ALA B 24 11.92 13.10 18.88
N ILE B 25 12.36 14.02 19.73
CA ILE B 25 11.68 14.37 20.96
C ILE B 25 11.57 15.90 20.95
N TYR B 26 10.35 16.42 20.98
CA TYR B 26 10.13 17.87 20.97
C TYR B 26 9.42 18.35 22.25
N SER B 27 9.09 19.64 22.33
CA SER B 27 8.41 20.21 23.51
C SER B 27 6.90 20.40 23.33
N ALA B 42 -5.36 20.40 16.01
CA ALA B 42 -5.99 20.76 14.70
C ALA B 42 -4.93 20.75 13.61
N VAL B 43 -4.11 21.79 13.60
CA VAL B 43 -3.03 21.90 12.63
C VAL B 43 -1.75 21.35 13.26
N PHE B 44 -1.97 20.62 14.36
CA PHE B 44 -0.93 19.99 15.16
C PHE B 44 -0.91 18.49 14.95
N ARG B 45 -1.69 17.99 13.99
CA ARG B 45 -1.72 16.55 13.75
C ARG B 45 -0.36 16.09 13.28
N SER B 46 0.15 15.04 13.90
CA SER B 46 1.44 14.52 13.51
C SER B 46 1.27 13.20 12.78
N TYR B 47 1.63 13.19 11.51
CA TYR B 47 1.53 12.00 10.67
C TYR B 47 2.89 11.57 10.14
N ILE B 48 3.03 10.28 9.85
CA ILE B 48 4.22 9.72 9.23
C ILE B 48 3.51 8.93 8.13
N ASP B 49 3.59 9.45 6.90
CA ASP B 49 2.88 8.89 5.76
C ASP B 49 1.45 9.32 6.05
N ASP B 50 0.48 8.43 5.93
CA ASP B 50 -0.89 8.82 6.20
C ASP B 50 -1.40 8.16 7.49
N GLU B 51 -0.44 7.88 8.37
CA GLU B 51 -0.73 7.24 9.65
C GLU B 51 -0.64 8.30 10.72
N TYR B 52 -1.72 8.40 11.49
CA TYR B 52 -1.82 9.38 12.57
C TYR B 52 -1.02 8.96 13.77
N MET B 53 -0.02 9.76 14.12
CA MET B 53 0.84 9.49 15.25
C MET B 53 0.32 10.11 16.51
N GLY B 54 -0.31 11.26 16.38
CA GLY B 54 -0.84 11.91 17.55
C GLY B 54 -0.98 13.39 17.44
N HIS B 55 -1.01 14.05 18.58
CA HIS B 55 -1.16 15.49 18.64
C HIS B 55 0.14 16.10 19.14
N LYS B 56 0.69 17.05 18.39
CA LYS B 56 1.97 17.71 18.74
C LYS B 56 1.90 18.57 20.00
N TRP B 57 2.76 18.31 20.98
CA TRP B 57 3.66 17.16 20.99
C TRP B 57 3.51 16.50 22.34
N GLN B 58 2.40 15.78 22.51
CA GLN B 58 2.08 15.11 23.76
C GLN B 58 2.83 13.80 23.95
N CYS B 59 2.67 13.22 25.14
CA CYS B 59 3.33 11.96 25.49
C CYS B 59 2.93 10.78 24.60
N VAL B 60 1.66 10.76 24.18
CA VAL B 60 1.13 9.67 23.34
C VAL B 60 1.71 9.67 21.93
N GLU B 61 1.87 10.87 21.36
CA GLU B 61 2.44 11.01 20.02
C GLU B 61 3.86 10.43 19.96
N PHE B 62 4.66 10.65 21.01
CA PHE B 62 6.00 10.11 20.99
C PHE B 62 5.98 8.59 21.07
N ALA B 63 5.29 8.06 22.07
CA ALA B 63 5.19 6.61 22.20
C ALA B 63 4.64 5.98 20.92
N ARG B 64 3.63 6.60 20.28
CA ARG B 64 3.11 5.97 19.06
C ARG B 64 4.14 5.99 17.92
N ARG B 65 4.73 7.16 17.69
CA ARG B 65 5.74 7.31 16.64
C ARG B 65 6.95 6.40 16.93
N PHE B 66 7.40 6.42 18.17
CA PHE B 66 8.50 5.56 18.52
C PHE B 66 8.13 4.16 18.01
N LEU B 67 7.01 3.61 18.49
CA LEU B 67 6.58 2.27 18.06
C LEU B 67 6.39 2.18 16.55
N PHE B 68 5.93 3.25 15.93
CA PHE B 68 5.73 3.14 14.51
C PHE B 68 7.05 3.13 13.75
N LEU B 69 8.00 4.00 14.08
CA LEU B 69 9.26 3.95 13.33
C LEU B 69 10.17 2.74 13.60
N ASN B 70 10.11 2.22 14.82
CA ASN B 70 10.93 1.11 15.24
C ASN B 70 10.38 -0.31 15.06
N TYR B 71 9.08 -0.52 15.25
CA TYR B 71 8.52 -1.86 15.11
C TYR B 71 7.32 -1.92 14.14
N GLY B 72 7.02 -0.82 13.48
CA GLY B 72 5.91 -0.93 12.58
C GLY B 72 4.59 -1.24 13.23
N VAL B 73 4.39 -0.81 14.48
CA VAL B 73 3.10 -1.06 15.11
C VAL B 73 2.57 0.21 15.75
N VAL B 74 1.27 0.22 16.04
CA VAL B 74 0.59 1.36 16.63
C VAL B 74 -0.65 0.96 17.42
N PHE B 75 -0.90 1.68 18.51
CA PHE B 75 -2.07 1.38 19.31
C PHE B 75 -3.17 2.34 18.92
N THR B 76 -4.42 1.93 19.11
CA THR B 76 -5.60 2.69 18.75
C THR B 76 -5.75 4.05 19.45
N ASP B 77 -6.63 4.91 18.94
CA ASP B 77 -6.76 6.23 19.52
C ASP B 77 -7.25 6.15 20.91
N VAL B 78 -6.72 7.02 21.76
CA VAL B 78 -7.11 7.08 23.15
C VAL B 78 -7.25 8.54 23.61
N GLY B 79 -8.19 8.78 24.51
CA GLY B 79 -8.34 10.13 24.99
C GLY B 79 -7.19 10.50 25.91
N MET B 80 -7.08 9.81 27.03
CA MET B 80 -6.01 10.08 27.98
C MET B 80 -4.92 9.01 27.87
N ALA B 81 -3.69 9.36 28.19
CA ALA B 81 -2.63 8.37 28.08
C ALA B 81 -2.88 7.13 28.95
N TRP B 82 -3.48 7.32 30.11
CA TRP B 82 -3.70 6.20 31.03
C TRP B 82 -4.63 5.14 30.44
N GLU B 83 -5.36 5.51 29.39
CA GLU B 83 -6.31 4.61 28.72
C GLU B 83 -5.56 3.57 27.92
N ILE B 84 -4.26 3.77 27.75
CA ILE B 84 -3.47 2.84 27.00
C ILE B 84 -3.29 1.50 27.72
N PHE B 85 -3.05 1.58 29.03
CA PHE B 85 -2.84 0.40 29.85
C PHE B 85 -4.01 -0.59 29.75
N SER B 86 -5.08 -0.17 29.07
CA SER B 86 -6.25 -1.02 28.94
C SER B 86 -6.35 -1.75 27.62
N LEU B 87 -5.50 -1.39 26.67
CA LEU B 87 -5.53 -2.06 25.38
C LEU B 87 -4.97 -3.45 25.49
N ARG B 88 -5.28 -4.29 24.52
CA ARG B 88 -4.77 -5.66 24.56
C ARG B 88 -4.28 -6.10 23.18
N PHE B 89 -4.04 -5.10 22.33
CA PHE B 89 -3.59 -5.36 20.98
C PHE B 89 -2.97 -4.16 20.27
N LEU B 90 -1.97 -4.45 19.45
CA LEU B 90 -1.32 -3.43 18.65
C LEU B 90 -1.56 -3.83 17.20
N ARG B 91 -1.69 -2.84 16.32
CA ARG B 91 -1.90 -3.11 14.91
C ARG B 91 -0.60 -3.05 14.12
N GLU B 92 -0.36 -4.03 13.26
CA GLU B 92 0.85 -4.00 12.45
C GLU B 92 0.45 -3.42 11.09
N VAL B 93 0.79 -2.15 10.87
CA VAL B 93 0.43 -1.42 9.66
C VAL B 93 0.69 -2.05 8.30
N VAL B 94 1.92 -2.45 8.03
CA VAL B 94 2.21 -3.03 6.73
C VAL B 94 1.21 -4.07 6.21
N ASN B 95 0.48 -4.74 7.11
CA ASN B 95 -0.51 -5.73 6.70
C ASN B 95 -1.82 -5.76 7.53
N ASP B 96 -2.21 -4.60 8.09
CA ASP B 96 -3.41 -4.43 8.93
C ASP B 96 -3.71 -5.57 9.88
N ASN B 97 -2.65 -6.29 10.22
CA ASN B 97 -2.60 -7.43 11.13
C ASN B 97 -2.70 -6.99 12.62
N ILE B 98 -3.32 -7.80 13.46
CA ILE B 98 -3.47 -7.46 14.88
C ILE B 98 -2.66 -8.34 15.81
N LEU B 99 -1.84 -7.74 16.65
CA LEU B 99 -0.98 -8.47 17.58
C LEU B 99 -1.41 -8.34 19.04
N PRO B 100 -1.09 -9.35 19.85
CA PRO B 100 -1.44 -9.33 21.28
C PRO B 100 -0.48 -8.46 22.10
N LEU B 101 -1.07 -7.69 22.99
CA LEU B 101 -0.30 -6.81 23.82
C LEU B 101 -0.67 -7.12 25.25
N GLN B 102 0.28 -7.60 26.04
CA GLN B 102 0.01 -7.91 27.44
C GLN B 102 0.33 -6.77 28.38
N ALA B 103 -0.45 -6.63 29.43
CA ALA B 103 -0.20 -5.58 30.40
C ALA B 103 0.40 -6.18 31.66
N PHE B 104 1.23 -5.42 32.37
CA PHE B 104 1.83 -5.92 33.62
C PHE B 104 1.84 -4.82 34.65
N PRO B 105 1.48 -5.15 35.90
CA PRO B 105 1.44 -4.18 36.99
C PRO B 105 2.82 -3.92 37.50
N ASN B 106 3.01 -2.73 38.05
CA ASN B 106 4.28 -2.32 38.63
C ASN B 106 4.49 -3.28 39.80
N GLY B 107 5.57 -4.03 39.75
CA GLY B 107 5.83 -5.00 40.79
C GLY B 107 5.42 -6.32 40.16
N SER B 108 6.17 -6.79 39.18
CA SER B 108 5.80 -8.02 38.49
C SER B 108 6.97 -8.95 38.28
N PRO B 109 6.68 -10.26 38.12
CA PRO B 109 7.76 -11.24 37.89
C PRO B 109 8.23 -10.95 36.45
N ARG B 110 7.31 -10.39 35.67
CA ARG B 110 7.59 -10.05 34.29
C ARG B 110 8.43 -8.79 34.30
N ALA B 111 9.68 -8.92 33.85
CA ALA B 111 10.60 -7.78 33.83
C ALA B 111 10.30 -6.82 32.68
N PRO B 112 10.44 -5.51 32.94
CA PRO B 112 10.22 -4.40 32.02
C PRO B 112 11.40 -4.19 31.06
N VAL B 113 11.33 -4.89 29.92
CA VAL B 113 12.33 -4.85 28.86
C VAL B 113 12.33 -3.58 28.02
N ALA B 114 13.44 -3.35 27.35
CA ALA B 114 13.53 -2.16 26.53
C ALA B 114 12.49 -2.21 25.42
N GLY B 115 11.97 -1.02 25.09
CA GLY B 115 10.98 -0.94 24.04
C GLY B 115 9.57 -1.21 24.51
N ALA B 116 9.38 -1.56 25.77
CA ALA B 116 8.04 -1.82 26.24
C ALA B 116 7.28 -0.54 26.61
N LEU B 117 5.97 -0.55 26.51
CA LEU B 117 5.25 0.65 26.87
C LEU B 117 5.16 0.72 28.38
N LEU B 118 5.33 1.92 28.91
CA LEU B 118 5.26 2.15 30.34
C LEU B 118 4.18 3.20 30.54
N ILE B 119 3.18 2.89 31.35
CA ILE B 119 2.07 3.82 31.55
C ILE B 119 1.87 4.26 32.99
N TRP B 120 1.39 5.48 33.15
CA TRP B 120 1.12 6.02 34.46
C TRP B 120 -0.37 6.21 34.56
N ASP B 121 -0.91 6.01 35.74
CA ASP B 121 -2.32 6.24 35.89
C ASP B 121 -2.43 7.78 36.01
N LYS B 122 -3.64 8.32 35.89
CA LYS B 122 -3.84 9.77 36.02
C LYS B 122 -3.61 10.00 37.49
N GLY B 123 -2.97 11.10 37.87
CA GLY B 123 -2.72 11.34 39.28
C GLY B 123 -1.42 12.08 39.56
N GLY B 124 -1.52 13.04 40.47
CA GLY B 124 -0.39 13.85 40.84
C GLY B 124 0.13 14.65 39.67
N GLU B 125 1.43 14.55 39.42
CA GLU B 125 2.08 15.26 38.32
C GLU B 125 1.23 15.14 37.03
N PHE B 126 0.52 14.02 36.91
CA PHE B 126 -0.31 13.73 35.74
C PHE B 126 -1.81 13.72 36.09
N LYS B 127 -2.22 14.83 36.69
CA LYS B 127 -3.57 15.09 37.16
C LYS B 127 -4.74 14.30 36.58
N ASP B 128 -4.93 14.44 35.28
CA ASP B 128 -6.06 13.76 34.67
C ASP B 128 -5.66 12.94 33.46
N THR B 129 -4.64 13.43 32.77
CA THR B 129 -4.12 12.78 31.59
C THR B 129 -3.53 11.37 31.87
N GLY B 130 -2.59 11.30 32.76
CA GLY B 130 -1.97 10.03 33.02
C GLY B 130 -0.69 10.25 32.26
N HIS B 131 0.02 9.20 31.90
CA HIS B 131 1.24 9.42 31.15
C HIS B 131 1.76 8.16 30.54
N VAL B 132 2.57 8.32 29.52
CA VAL B 132 3.19 7.20 28.83
C VAL B 132 4.60 7.53 28.30
N ALA B 133 5.51 6.57 28.41
CA ALA B 133 6.87 6.73 27.94
C ALA B 133 7.35 5.37 27.45
N ILE B 134 8.56 5.31 26.92
CA ILE B 134 9.15 4.09 26.41
C ILE B 134 10.37 3.78 27.25
N ILE B 135 10.52 2.53 27.61
CA ILE B 135 11.65 2.09 28.39
C ILE B 135 12.73 1.87 27.35
N THR B 136 13.81 2.65 27.38
CA THR B 136 14.87 2.44 26.41
C THR B 136 15.93 1.45 26.90
N GLN B 137 16.13 1.35 28.21
CA GLN B 137 17.10 0.39 28.69
C GLN B 137 16.99 0.00 30.17
N LEU B 138 17.00 -1.31 30.36
CA LEU B 138 16.89 -1.91 31.67
C LEU B 138 18.30 -2.07 32.23
N HIS B 139 18.41 -2.11 33.55
CA HIS B 139 19.69 -2.26 34.22
C HIS B 139 19.57 -3.25 35.38
N GLY B 140 20.41 -3.06 36.40
CA GLY B 140 20.38 -3.90 37.57
C GLY B 140 19.64 -3.19 38.70
N ASN B 141 19.73 -1.87 38.72
CA ASN B 141 19.07 -1.10 39.76
C ASN B 141 18.35 0.13 39.23
N LYS B 142 18.34 0.26 37.91
CA LYS B 142 17.68 1.41 37.28
C LYS B 142 17.05 1.02 35.95
N VAL B 143 16.52 2.01 35.24
CA VAL B 143 15.93 1.80 33.94
C VAL B 143 15.89 3.16 33.28
N ARG B 144 16.10 3.21 31.98
CA ARG B 144 16.04 4.48 31.28
C ARG B 144 14.82 4.54 30.34
N ILE B 145 14.06 5.60 30.47
CA ILE B 145 12.87 5.83 29.68
C ILE B 145 12.99 7.07 28.76
N ALA B 146 12.35 7.02 27.59
CA ALA B 146 12.35 8.14 26.66
C ALA B 146 10.91 8.63 26.58
N GLU B 147 10.68 9.94 26.54
CA GLU B 147 9.29 10.34 26.55
C GLU B 147 9.16 11.78 26.23
N GLN B 148 7.93 12.21 25.99
CA GLN B 148 7.66 13.60 25.71
C GLN B 148 6.71 14.22 26.74
N ASN B 149 6.80 15.54 26.87
CA ASN B 149 5.92 16.28 27.77
C ASN B 149 6.20 16.10 29.26
N VAL B 150 7.48 16.02 29.59
CA VAL B 150 7.94 15.90 30.96
C VAL B 150 9.14 16.84 30.93
N ILE B 151 10.00 16.64 29.94
CA ILE B 151 11.21 17.42 29.72
C ILE B 151 10.98 18.38 28.54
N HIS B 152 11.26 19.66 28.74
CA HIS B 152 11.10 20.63 27.66
C HIS B 152 12.39 21.38 27.38
N SER B 153 13.50 20.73 27.74
CA SER B 153 14.82 21.30 27.55
C SER B 153 15.72 20.36 26.74
N PRO B 154 16.58 20.92 25.90
CA PRO B 154 17.50 20.14 25.07
C PRO B 154 18.21 19.15 25.92
N LEU B 155 18.46 17.97 25.37
CA LEU B 155 19.15 16.94 26.14
C LEU B 155 20.64 17.01 25.86
N PRO B 156 21.45 16.41 26.73
CA PRO B 156 22.91 16.42 26.53
C PRO B 156 23.29 15.69 25.25
N GLN B 157 24.32 16.18 24.57
CA GLN B 157 24.79 15.60 23.30
C GLN B 157 24.67 14.08 23.24
N GLY B 158 23.96 13.59 22.23
CA GLY B 158 23.83 12.15 22.04
C GLY B 158 23.14 11.28 23.08
N GLN B 159 22.58 11.87 24.14
CA GLN B 159 21.87 11.06 25.13
C GLN B 159 20.46 10.78 24.65
N GLN B 160 20.15 9.50 24.54
CA GLN B 160 18.87 9.03 24.04
C GLN B 160 17.90 8.53 25.11
N TRP B 161 17.64 9.37 26.09
CA TRP B 161 16.69 9.07 27.16
C TRP B 161 16.39 10.36 27.90
N THR B 162 15.25 10.43 28.56
CA THR B 162 14.88 11.64 29.28
C THR B 162 14.97 11.50 30.77
N ARG B 163 14.74 10.30 31.28
CA ARG B 163 14.78 10.09 32.71
C ARG B 163 15.27 8.71 33.07
N GLU B 164 15.65 8.56 34.34
CA GLU B 164 16.09 7.25 34.83
C GLU B 164 15.17 6.98 35.97
N LEU B 165 14.87 5.71 36.19
CA LEU B 165 13.97 5.31 37.26
C LEU B 165 14.56 4.15 38.01
N GLU B 166 14.57 4.29 39.33
CA GLU B 166 15.05 3.28 40.26
C GLU B 166 14.17 2.02 40.12
N MET B 167 14.83 0.87 40.01
CA MET B 167 14.13 -0.40 39.90
C MET B 167 14.54 -1.28 41.10
N VAL B 168 13.58 -1.93 41.74
CA VAL B 168 13.91 -2.78 42.87
C VAL B 168 13.68 -4.23 42.53
N VAL B 169 14.74 -5.01 42.38
CA VAL B 169 14.57 -6.42 42.02
C VAL B 169 14.66 -7.37 43.19
N GLU B 170 13.54 -7.60 43.86
CA GLU B 170 13.52 -8.48 45.03
C GLU B 170 12.64 -9.70 44.91
N ASN B 171 13.27 -10.87 44.99
CA ASN B 171 12.57 -12.14 44.93
C ASN B 171 11.95 -12.35 43.57
N GLY B 172 12.74 -12.14 42.53
CA GLY B 172 12.21 -12.30 41.18
C GLY B 172 11.24 -11.20 40.71
N CYS B 173 10.66 -10.45 41.65
CA CYS B 173 9.70 -9.37 41.37
C CYS B 173 10.40 -8.07 41.00
N TYR B 174 9.82 -7.32 40.07
CA TYR B 174 10.40 -6.05 39.59
C TYR B 174 9.50 -4.84 39.83
N THR B 175 10.03 -3.81 40.48
CA THR B 175 9.26 -2.61 40.76
C THR B 175 9.97 -1.36 40.28
N LEU B 176 9.23 -0.37 39.82
CA LEU B 176 9.84 0.87 39.39
C LEU B 176 9.41 1.99 40.30
N LYS B 177 10.32 2.91 40.58
CA LYS B 177 9.99 4.01 41.49
C LYS B 177 10.09 5.27 40.66
N ASP B 178 9.02 6.05 40.55
CA ASP B 178 9.06 7.27 39.72
C ASP B 178 9.78 8.42 40.38
N THR B 179 10.31 9.34 39.57
CA THR B 179 11.02 10.46 40.15
C THR B 179 10.06 11.43 40.81
N PHE B 180 8.76 11.33 40.56
CA PHE B 180 7.87 12.25 41.23
C PHE B 180 7.35 11.60 42.50
N ASP B 181 6.87 12.44 43.43
CA ASP B 181 6.36 11.97 44.71
C ASP B 181 4.86 11.81 44.85
N ASP B 182 4.10 12.03 43.77
CA ASP B 182 2.64 11.93 43.81
C ASP B 182 2.09 11.35 42.53
N THR B 183 2.77 10.35 41.98
CA THR B 183 2.31 9.75 40.74
C THR B 183 2.30 8.25 40.82
N THR B 184 1.23 7.67 40.38
CA THR B 184 1.12 6.24 40.39
C THR B 184 1.53 5.72 39.02
N ILE B 185 2.40 4.71 39.02
CA ILE B 185 2.84 4.06 37.82
C ILE B 185 1.97 2.80 37.66
N LEU B 186 1.22 2.67 36.57
CA LEU B 186 0.37 1.48 36.38
C LEU B 186 1.18 0.21 36.10
N GLY B 187 2.05 0.30 35.10
CA GLY B 187 2.88 -0.83 34.76
C GLY B 187 3.38 -0.73 33.34
N TRP B 188 4.02 -1.79 32.87
CA TRP B 188 4.53 -1.82 31.52
C TRP B 188 3.74 -2.79 30.71
N MET B 189 3.96 -2.78 29.39
CA MET B 189 3.25 -3.64 28.46
C MET B 189 4.18 -4.26 27.44
N ILE B 190 3.89 -5.47 27.03
CA ILE B 190 4.73 -6.13 26.05
C ILE B 190 3.84 -6.81 25.00
N GLN B 191 4.28 -6.73 23.74
CA GLN B 191 3.54 -7.36 22.65
C GLN B 191 4.02 -8.79 22.67
N THR B 192 3.17 -9.66 23.19
CA THR B 192 3.51 -11.07 23.28
C THR B 192 2.30 -11.97 23.47
N GLU B 193 2.44 -13.22 23.05
CA GLU B 193 1.38 -14.19 23.17
C GLU B 193 1.40 -14.73 24.57
N ASP B 194 2.59 -14.79 25.15
CA ASP B 194 2.78 -15.31 26.52
C ASP B 194 1.98 -14.45 27.52
N THR B 195 0.91 -15.02 28.08
CA THR B 195 0.02 -14.32 29.01
C THR B 195 0.45 -14.45 30.46
N GLU B 196 1.57 -15.10 30.69
CA GLU B 196 2.06 -15.32 32.05
C GLU B 196 2.43 -14.06 32.79
N TYR B 197 2.04 -14.01 34.07
CA TYR B 197 2.32 -12.90 34.96
C TYR B 197 1.50 -11.69 34.58
N SER B 198 0.91 -11.71 33.39
CA SER B 198 0.11 -10.60 32.89
C SER B 198 -1.28 -10.56 33.50
N LEU B 199 -1.86 -9.38 33.58
CA LEU B 199 -3.19 -9.24 34.16
C LEU B 199 -4.33 -9.33 33.13
N PRO B 200 -5.57 -9.56 33.58
CA PRO B 200 -6.69 -9.67 32.65
C PRO B 200 -7.15 -8.33 32.09
N GLN B 201 -7.93 -8.39 31.00
CA GLN B 201 -8.43 -7.18 30.38
C GLN B 201 -9.43 -6.55 31.30
N PRO B 202 -9.23 -5.28 31.67
CA PRO B 202 -10.18 -4.62 32.56
C PRO B 202 -11.59 -4.73 31.99
N GLU B 203 -12.50 -5.20 32.83
CA GLU B 203 -13.91 -5.36 32.46
C GLU B 203 -14.68 -4.32 33.29
N ILE B 204 -15.56 -3.58 32.64
CA ILE B 204 -16.33 -2.53 33.29
C ILE B 204 -17.57 -3.05 34.06
N ALA B 205 -17.87 -2.36 35.16
CA ALA B 205 -18.98 -2.68 36.05
C ALA B 205 -20.32 -2.57 35.33
N GLY B 206 -21.18 -3.55 35.53
CA GLY B 206 -22.47 -3.51 34.86
C GLY B 206 -23.32 -2.31 35.20
N GLU B 207 -23.26 -1.88 36.46
CA GLU B 207 -24.07 -0.76 36.90
C GLU B 207 -23.70 0.52 36.22
N LEU B 208 -22.42 0.72 35.98
CA LEU B 208 -21.98 1.95 35.33
C LEU B 208 -22.47 2.08 33.90
N LEU B 209 -22.87 0.93 33.32
CA LEU B 209 -23.37 0.85 31.96
C LEU B 209 -24.87 0.94 31.86
N LYS B 210 -25.56 1.26 32.95
CA LYS B 210 -27.01 1.30 32.89
C LYS B 210 -27.54 2.62 32.36
N ILE B 211 -28.52 2.54 31.48
CA ILE B 211 -29.14 3.74 30.94
C ILE B 211 -30.34 4.06 31.84
N SER B 212 -30.54 5.31 32.18
CA SER B 212 -31.67 5.59 33.03
C SER B 212 -32.36 6.89 32.66
N GLY B 213 -33.67 6.94 32.86
CA GLY B 213 -34.45 8.10 32.48
C GLY B 213 -34.31 9.32 33.36
N ALA B 214 -34.66 10.47 32.81
CA ALA B 214 -34.59 11.75 33.51
C ALA B 214 -35.64 12.69 32.97
N ARG B 215 -35.94 13.75 33.71
CA ARG B 215 -36.92 14.71 33.25
C ARG B 215 -36.60 16.16 33.48
N LEU B 216 -36.97 17.01 32.54
CA LEU B 216 -36.70 18.41 32.74
C LEU B 216 -37.92 18.92 33.42
N GLU B 217 -37.79 20.10 34.02
CA GLU B 217 -38.91 20.71 34.70
C GLU B 217 -39.72 21.40 33.62
N ASN B 218 -41.01 21.07 33.55
CA ASN B 218 -41.85 21.66 32.53
C ASN B 218 -42.22 23.13 32.79
N LYS B 219 -41.56 24.01 32.08
CA LYS B 219 -41.85 25.41 32.19
C LYS B 219 -42.18 25.83 30.77
N GLY B 220 -42.81 24.92 30.02
CA GLY B 220 -43.19 25.19 28.65
C GLY B 220 -42.05 25.56 27.71
N GLN B 221 -40.91 24.89 27.87
CA GLN B 221 -39.72 25.15 27.06
C GLN B 221 -39.85 24.63 25.64
N PHE B 222 -40.65 23.59 25.43
CA PHE B 222 -40.83 23.05 24.08
C PHE B 222 -42.26 23.23 23.54
N ASP B 223 -42.91 24.27 24.05
CA ASP B 223 -44.29 24.60 23.68
C ASP B 223 -44.31 25.70 22.60
N GLY B 224 -43.83 25.38 21.40
CA GLY B 224 -43.82 26.37 20.35
C GLY B 224 -42.75 26.13 19.33
N LYS B 225 -42.13 27.20 18.83
CA LYS B 225 -41.05 27.05 17.87
C LYS B 225 -39.68 27.16 18.53
N TRP B 226 -39.32 26.15 19.32
CA TRP B 226 -38.03 26.14 19.98
C TRP B 226 -36.88 25.92 19.00
N LEU B 227 -37.14 25.33 17.84
CA LEU B 227 -36.06 25.13 16.88
C LEU B 227 -35.89 26.45 16.17
N ASP B 228 -34.66 26.94 16.18
CA ASP B 228 -34.33 28.21 15.55
C ASP B 228 -34.60 28.19 14.06
N GLU B 229 -35.71 28.78 13.62
CA GLU B 229 -36.03 28.79 12.20
C GLU B 229 -35.22 29.83 11.40
N LYS B 230 -34.28 30.47 12.08
CA LYS B 230 -33.43 31.44 11.43
C LYS B 230 -32.29 30.67 10.73
N ASP B 231 -31.91 29.53 11.32
CA ASP B 231 -30.88 28.67 10.78
C ASP B 231 -31.50 27.82 9.69
N PRO B 232 -30.95 27.88 8.47
CA PRO B 232 -31.39 27.14 7.28
C PRO B 232 -31.37 25.64 7.51
N LEU B 233 -30.32 25.18 8.19
CA LEU B 233 -30.17 23.77 8.48
C LEU B 233 -31.31 23.25 9.36
N GLN B 234 -31.55 23.93 10.47
CA GLN B 234 -32.61 23.57 11.40
C GLN B 234 -33.95 23.64 10.71
N ASN B 235 -34.14 24.70 9.93
CA ASN B 235 -35.40 24.86 9.23
C ASN B 235 -35.65 23.76 8.21
N ALA B 236 -34.59 23.23 7.61
CA ALA B 236 -34.77 22.14 6.68
C ALA B 236 -35.25 20.94 7.48
N TYR B 237 -34.76 20.82 8.70
CA TYR B 237 -35.16 19.72 9.56
C TYR B 237 -36.65 19.82 9.79
N VAL B 238 -37.12 21.02 10.17
CA VAL B 238 -38.54 21.21 10.45
C VAL B 238 -39.36 20.75 9.26
N GLN B 239 -39.00 21.23 8.07
CA GLN B 239 -39.71 20.88 6.85
C GLN B 239 -39.88 19.38 6.70
N ALA B 240 -38.97 18.61 7.26
CA ALA B 240 -39.07 17.18 7.11
C ALA B 240 -39.65 16.51 8.33
N ASN B 241 -39.64 17.20 9.48
CA ASN B 241 -40.11 16.57 10.72
C ASN B 241 -40.93 17.40 11.67
N GLY B 242 -40.95 18.71 11.45
CA GLY B 242 -41.72 19.59 12.29
C GLY B 242 -40.87 19.93 13.47
N GLN B 243 -41.48 20.55 14.49
CA GLN B 243 -40.80 20.94 15.72
C GLN B 243 -40.83 19.75 16.62
N VAL B 244 -40.22 18.66 16.19
CA VAL B 244 -40.23 17.46 16.99
C VAL B 244 -38.98 16.61 16.93
N ILE B 245 -38.61 16.08 18.10
CA ILE B 245 -37.48 15.19 18.21
C ILE B 245 -37.99 13.79 18.57
N ASN B 246 -38.95 13.75 19.50
CA ASN B 246 -39.58 12.52 19.97
C ASN B 246 -40.90 12.94 20.58
N GLN B 247 -41.73 11.98 20.94
CA GLN B 247 -43.04 12.30 21.51
C GLN B 247 -43.04 13.27 22.69
N ASP B 248 -42.22 12.95 23.69
CA ASP B 248 -42.11 13.76 24.89
C ASP B 248 -40.73 14.38 25.01
N PRO B 249 -40.59 15.66 24.63
CA PRO B 249 -39.28 16.30 24.73
C PRO B 249 -38.87 16.74 26.17
N TYR B 250 -39.72 16.49 27.17
CA TYR B 250 -39.35 16.91 28.49
C TYR B 250 -38.61 15.82 29.21
N HIS B 251 -38.66 14.64 28.62
CA HIS B 251 -37.98 13.47 29.16
C HIS B 251 -36.70 13.26 28.34
N TYR B 252 -35.65 12.77 29.01
CA TYR B 252 -34.41 12.44 28.33
C TYR B 252 -33.72 11.31 29.06
N TYR B 253 -32.58 10.87 28.55
CA TYR B 253 -31.83 9.80 29.19
C TYR B 253 -30.38 10.21 29.44
N THR B 254 -29.72 9.48 30.32
CA THR B 254 -28.36 9.76 30.68
C THR B 254 -27.52 8.50 30.78
N ILE B 255 -26.22 8.71 30.69
CA ILE B 255 -25.27 7.63 30.81
C ILE B 255 -24.11 8.23 31.61
N THR B 256 -23.49 7.38 32.41
CA THR B 256 -22.37 7.85 33.24
C THR B 256 -21.23 8.18 32.30
N GLU B 257 -20.35 9.04 32.75
CA GLU B 257 -19.20 9.40 31.97
C GLU B 257 -18.29 8.18 31.84
N SER B 258 -18.59 7.13 32.60
CA SER B 258 -17.79 5.89 32.58
C SER B 258 -18.23 5.05 31.41
N ALA B 259 -19.49 5.23 31.02
CA ALA B 259 -20.08 4.49 29.90
C ALA B 259 -19.58 5.10 28.63
N GLU B 260 -19.64 6.43 28.53
CA GLU B 260 -19.16 7.07 27.34
C GLU B 260 -17.71 6.58 27.07
N GLN B 261 -16.92 6.44 28.12
CA GLN B 261 -15.55 5.96 27.94
C GLN B 261 -15.53 4.51 27.46
N GLU B 262 -16.48 3.70 27.92
CA GLU B 262 -16.51 2.34 27.43
C GLU B 262 -16.90 2.40 25.96
N LEU B 263 -17.81 3.33 25.64
CA LEU B 263 -18.30 3.56 24.28
C LEU B 263 -17.16 4.01 23.37
N ILE B 264 -16.22 4.79 23.93
CA ILE B 264 -15.10 5.24 23.13
C ILE B 264 -14.11 4.09 22.95
N LYS B 265 -13.89 3.31 23.99
CA LYS B 265 -13.01 2.14 23.87
C LYS B 265 -13.59 1.26 22.76
N ALA B 266 -14.82 0.81 22.94
CA ALA B 266 -15.46 -0.08 21.97
C ALA B 266 -15.51 0.44 20.52
N THR B 267 -15.94 1.67 20.34
CA THR B 267 -15.98 2.22 19.00
C THR B 267 -14.63 2.16 18.29
N ASN B 268 -13.59 2.73 18.91
CA ASN B 268 -12.26 2.72 18.28
C ASN B 268 -11.70 1.32 18.01
N GLU B 269 -11.96 0.40 18.94
CA GLU B 269 -11.50 -0.99 18.88
C GLU B 269 -12.23 -1.79 17.83
N LEU B 270 -13.56 -1.68 17.78
CA LEU B 270 -14.32 -2.42 16.78
C LEU B 270 -14.10 -1.80 15.41
N HIS B 271 -13.75 -0.51 15.39
CA HIS B 271 -13.47 0.08 14.11
C HIS B 271 -12.29 -0.64 13.46
N LEU B 272 -11.23 -0.87 14.23
CA LEU B 272 -10.05 -1.57 13.72
C LEU B 272 -10.38 -3.01 13.37
N MET B 273 -11.22 -3.62 14.18
CA MET B 273 -11.59 -4.98 13.94
C MET B 273 -12.24 -5.09 12.61
N TYR B 274 -13.25 -4.24 12.40
CA TYR B 274 -13.97 -4.23 11.12
C TYR B 274 -13.00 -4.08 9.93
N LEU B 275 -11.95 -3.26 10.06
CA LEU B 275 -11.03 -3.10 8.94
C LEU B 275 -10.14 -4.31 8.83
N HIS B 276 -9.73 -4.86 9.97
CA HIS B 276 -8.89 -6.07 9.95
C HIS B 276 -9.63 -7.20 9.25
N ALA B 277 -10.96 -7.18 9.34
CA ALA B 277 -11.75 -8.22 8.71
C ALA B 277 -11.96 -7.83 7.25
N THR B 278 -12.12 -6.55 6.97
CA THR B 278 -12.30 -6.09 5.60
C THR B 278 -11.08 -6.51 4.76
N ASP B 279 -9.89 -6.24 5.28
CA ASP B 279 -8.64 -6.58 4.60
C ASP B 279 -8.57 -8.08 4.44
N LYS B 280 -9.00 -8.79 5.47
CA LYS B 280 -9.01 -10.25 5.44
C LYS B 280 -9.96 -10.73 4.34
N VAL B 281 -11.09 -10.07 4.22
CA VAL B 281 -12.06 -10.45 3.20
C VAL B 281 -11.50 -10.26 1.81
N LEU B 282 -10.93 -9.09 1.56
CA LEU B 282 -10.42 -8.75 0.25
C LEU B 282 -9.14 -9.46 -0.08
N LYS B 283 -8.73 -10.38 0.79
CA LYS B 283 -7.52 -11.16 0.54
C LYS B 283 -7.82 -12.63 0.21
N ASP B 284 -9.10 -12.97 0.12
CA ASP B 284 -9.51 -14.35 -0.16
C ASP B 284 -10.87 -14.46 -0.84
N ASP B 285 -10.84 -14.83 -2.12
CA ASP B 285 -12.04 -15.00 -2.94
C ASP B 285 -13.18 -15.80 -2.29
N ASN B 286 -12.88 -16.67 -1.34
CA ASN B 286 -13.91 -17.48 -0.69
C ASN B 286 -14.71 -16.66 0.31
N LEU B 287 -14.02 -15.73 0.95
CA LEU B 287 -14.64 -14.84 1.91
C LEU B 287 -15.35 -13.73 1.18
N LEU B 288 -14.72 -13.14 0.17
CA LEU B 288 -15.40 -12.07 -0.54
C LEU B 288 -16.67 -12.62 -1.20
N ALA B 289 -16.56 -13.83 -1.75
CA ALA B 289 -17.67 -14.48 -2.43
C ALA B 289 -18.96 -14.51 -1.65
N LEU B 290 -18.85 -14.35 -0.34
CA LEU B 290 -20.01 -14.39 0.55
C LEU B 290 -20.85 -13.12 0.60
N PHE B 291 -20.38 -12.05 -0.01
CA PHE B 291 -21.12 -10.79 0.06
C PHE B 291 -22.06 -10.49 -1.09
N ASP B 292 -22.06 -11.35 -2.10
CA ASP B 292 -22.95 -11.18 -3.23
C ASP B 292 -22.83 -9.86 -3.92
N ILE B 293 -21.60 -9.39 -4.10
CA ILE B 293 -21.36 -8.15 -4.80
C ILE B 293 -21.06 -8.62 -6.20
N PRO B 294 -21.38 -7.85 -7.23
CA PRO B 294 -21.07 -8.37 -8.56
C PRO B 294 -19.58 -8.66 -8.74
N LYS B 295 -19.28 -9.91 -9.08
CA LYS B 295 -17.90 -10.36 -9.30
C LYS B 295 -17.07 -9.47 -10.20
N ILE B 296 -17.72 -8.51 -10.88
CA ILE B 296 -17.00 -7.58 -11.77
C ILE B 296 -16.36 -6.42 -10.95
N LEU B 297 -16.91 -6.18 -9.76
CA LEU B 297 -16.43 -5.10 -8.88
C LEU B 297 -15.35 -5.55 -7.92
N TRP B 298 -14.99 -6.82 -7.97
CA TRP B 298 -13.96 -7.32 -7.08
C TRP B 298 -12.58 -6.66 -7.23
N PRO B 299 -12.06 -6.57 -8.47
CA PRO B 299 -10.75 -5.95 -8.58
C PRO B 299 -10.82 -4.50 -8.11
N ARG B 300 -11.94 -3.84 -8.37
CA ARG B 300 -12.10 -2.46 -7.96
C ARG B 300 -12.27 -2.31 -6.45
N LEU B 301 -12.80 -3.33 -5.79
CA LEU B 301 -12.96 -3.27 -4.34
C LEU B 301 -11.55 -3.20 -3.79
N ARG B 302 -10.73 -4.15 -4.19
CA ARG B 302 -9.34 -4.25 -3.76
C ARG B 302 -8.54 -2.98 -3.98
N LEU B 303 -8.56 -2.46 -5.20
CA LEU B 303 -7.83 -1.25 -5.52
C LEU B 303 -8.29 -0.10 -4.62
N SER B 304 -9.61 0.05 -4.45
CA SER B 304 -10.17 1.07 -3.59
C SER B 304 -9.62 0.92 -2.14
N TRP B 305 -9.63 -0.31 -1.63
CA TRP B 305 -9.13 -0.62 -0.29
C TRP B 305 -7.68 -0.19 -0.18
N GLN B 306 -6.88 -0.56 -1.17
CA GLN B 306 -5.46 -0.25 -1.16
C GLN B 306 -5.05 1.22 -1.31
N ARG B 307 -5.91 2.08 -1.84
CA ARG B 307 -5.50 3.46 -2.00
C ARG B 307 -6.42 4.49 -1.32
N ARG B 308 -7.48 4.00 -0.69
CA ARG B 308 -8.41 4.89 -0.04
C ARG B 308 -8.70 4.39 1.38
N ARG B 309 -7.88 3.46 1.85
CA ARG B 309 -8.04 2.86 3.17
C ARG B 309 -8.18 3.92 4.23
N HIS B 310 -7.46 5.01 4.06
CA HIS B 310 -7.50 6.10 5.03
C HIS B 310 -8.51 7.21 4.78
N HIS B 311 -9.31 7.06 3.73
CA HIS B 311 -10.26 8.07 3.32
C HIS B 311 -11.68 7.97 3.80
N MET B 312 -11.98 7.03 4.71
CA MET B 312 -13.35 6.96 5.19
C MET B 312 -13.61 8.17 6.09
N ILE B 313 -14.83 8.69 6.00
CA ILE B 313 -15.16 9.90 6.71
C ILE B 313 -16.02 9.72 7.92
N THR B 314 -17.22 9.17 7.78
CA THR B 314 -18.06 8.97 8.95
C THR B 314 -18.74 7.63 8.93
N GLY B 315 -19.20 7.20 10.10
CA GLY B 315 -19.88 5.92 10.24
C GLY B 315 -20.69 5.86 11.52
N ARG B 316 -21.66 4.94 11.58
CA ARG B 316 -22.45 4.78 12.76
C ARG B 316 -22.45 3.32 13.18
N MET B 317 -22.26 3.11 14.47
CA MET B 317 -22.24 1.78 15.09
C MET B 317 -23.46 1.62 15.98
N ASP B 318 -24.13 0.47 15.84
CA ASP B 318 -25.31 0.17 16.64
C ASP B 318 -24.97 -0.79 17.78
N PHE B 319 -25.30 -0.36 18.99
CA PHE B 319 -25.00 -1.10 20.20
C PHE B 319 -26.17 -1.39 21.10
N CYS B 320 -26.04 -2.45 21.88
CA CYS B 320 -27.01 -2.73 22.93
C CYS B 320 -26.17 -2.49 24.17
N MET B 321 -26.62 -1.58 25.03
CA MET B 321 -25.89 -1.31 26.25
C MET B 321 -26.76 -1.37 27.51
N ASP B 322 -26.35 -2.24 28.42
CA ASP B 322 -27.04 -2.39 29.69
C ASP B 322 -26.14 -3.18 30.63
N GLU B 323 -26.63 -3.45 31.84
CA GLU B 323 -25.85 -4.17 32.83
C GLU B 323 -25.19 -5.46 32.32
N ARG B 324 -25.68 -6.03 31.23
CA ARG B 324 -25.10 -7.26 30.70
C ARG B 324 -23.76 -6.99 30.03
N GLY B 325 -23.56 -5.75 29.61
CA GLY B 325 -22.35 -5.42 28.90
C GLY B 325 -22.67 -4.72 27.57
N LEU B 326 -21.68 -4.60 26.69
CA LEU B 326 -21.86 -3.89 25.43
C LEU B 326 -21.73 -4.80 24.22
N LYS B 327 -22.74 -4.80 23.37
CA LYS B 327 -22.70 -5.63 22.16
C LYS B 327 -22.96 -4.81 20.89
N VAL B 328 -22.34 -5.22 19.79
CA VAL B 328 -22.51 -4.58 18.47
C VAL B 328 -23.45 -5.33 17.56
N TYR B 329 -24.44 -4.64 17.01
CA TYR B 329 -25.37 -5.29 16.10
C TYR B 329 -24.80 -5.14 14.72
N GLU B 330 -24.49 -3.90 14.36
CA GLU B 330 -23.96 -3.60 13.02
C GLU B 330 -23.11 -2.31 12.95
N TYR B 331 -22.37 -2.14 11.86
CA TYR B 331 -21.54 -0.96 11.61
C TYR B 331 -21.97 -0.43 10.27
N ASN B 332 -22.75 0.64 10.28
CA ASN B 332 -23.23 1.26 9.06
C ASN B 332 -22.06 2.13 8.60
N ALA B 333 -21.14 1.56 7.83
CA ALA B 333 -19.96 2.26 7.35
C ALA B 333 -20.11 2.89 5.97
N ASP B 334 -21.04 2.40 5.16
CA ASP B 334 -21.25 2.96 3.81
C ASP B 334 -21.87 4.33 3.85
N SER B 335 -23.15 4.41 4.23
CA SER B 335 -23.85 5.69 4.32
C SER B 335 -24.69 5.75 5.57
N ALA B 336 -24.25 6.53 6.54
CA ALA B 336 -25.00 6.62 7.78
C ALA B 336 -25.72 7.95 7.86
N SER B 337 -26.48 8.11 8.92
CA SER B 337 -27.18 9.34 9.16
C SER B 337 -27.52 9.42 10.66
N CYS B 338 -28.19 10.51 11.04
CA CYS B 338 -28.58 10.79 12.42
C CYS B 338 -27.62 11.84 12.93
N HIS B 339 -26.64 12.19 12.10
CA HIS B 339 -25.65 13.20 12.47
C HIS B 339 -26.34 14.53 12.82
N THR B 340 -27.26 14.95 11.98
CA THR B 340 -27.96 16.20 12.18
C THR B 340 -28.67 16.20 13.52
N GLU B 341 -29.35 15.08 13.79
CA GLU B 341 -30.12 14.91 15.00
C GLU B 341 -29.25 15.01 16.24
N ALA B 342 -28.28 14.10 16.34
CA ALA B 342 -27.38 14.03 17.49
C ALA B 342 -26.42 15.21 17.64
N GLY B 343 -26.06 15.79 16.50
CA GLY B 343 -25.09 16.88 16.52
C GLY B 343 -25.57 18.27 16.25
N LEU B 344 -26.88 18.46 16.17
CA LEU B 344 -27.41 19.79 15.95
C LEU B 344 -28.74 19.97 16.65
N ILE B 345 -29.72 19.15 16.30
CA ILE B 345 -31.03 19.26 16.93
C ILE B 345 -30.92 19.03 18.46
N LEU B 346 -30.38 17.89 18.88
CA LEU B 346 -30.26 17.63 20.31
C LEU B 346 -29.55 18.74 20.99
N GLU B 347 -28.63 19.42 20.30
CA GLU B 347 -27.94 20.56 20.92
C GLU B 347 -28.96 21.66 21.20
N ARG B 348 -29.78 21.99 20.21
CA ARG B 348 -30.83 23.01 20.38
C ARG B 348 -31.68 22.62 21.56
N TRP B 349 -32.08 21.36 21.59
CA TRP B 349 -32.89 20.84 22.69
C TRP B 349 -32.25 21.17 24.03
N ALA B 350 -30.94 20.96 24.12
CA ALA B 350 -30.20 21.22 25.34
C ALA B 350 -30.28 22.69 25.58
N GLU B 351 -29.65 23.48 24.72
CA GLU B 351 -29.65 24.95 24.84
C GLU B 351 -31.06 25.48 25.16
N GLN B 352 -32.08 24.71 24.80
CA GLN B 352 -33.43 25.15 25.01
C GLN B 352 -34.00 24.76 26.34
N GLY B 353 -33.72 23.54 26.80
CA GLY B 353 -34.26 23.10 28.06
C GLY B 353 -33.44 22.31 29.08
N TYR B 354 -32.12 22.27 28.94
CA TYR B 354 -31.32 21.54 29.92
C TYR B 354 -30.50 22.50 30.74
N LYS B 355 -30.73 22.52 32.04
CA LYS B 355 -29.96 23.40 32.88
C LYS B 355 -28.94 22.64 33.71
N GLY B 356 -28.81 21.35 33.46
CA GLY B 356 -27.88 20.53 34.22
C GLY B 356 -26.41 20.71 33.93
N ASN B 357 -25.62 19.80 34.49
CA ASN B 357 -24.17 19.80 34.34
C ASN B 357 -23.71 18.87 33.24
N GLY B 358 -24.51 17.86 32.93
CA GLY B 358 -24.17 16.92 31.88
C GLY B 358 -23.89 17.56 30.53
N PHE B 359 -23.69 16.74 29.50
CA PHE B 359 -23.42 17.25 28.16
C PHE B 359 -23.87 16.31 27.05
N ASN B 360 -24.03 16.86 25.85
CA ASN B 360 -24.46 16.07 24.70
C ASN B 360 -23.22 15.41 24.14
N PRO B 361 -23.12 14.09 24.28
CA PRO B 361 -21.98 13.31 23.80
C PRO B 361 -21.64 13.46 22.32
N ALA B 362 -22.41 14.27 21.59
CA ALA B 362 -22.18 14.44 20.18
C ALA B 362 -22.05 15.90 19.80
N GLU B 363 -21.94 16.78 20.79
CA GLU B 363 -21.84 18.22 20.50
C GLU B 363 -20.88 18.61 19.41
N GLY B 364 -19.66 18.09 19.42
CA GLY B 364 -18.69 18.46 18.40
C GLY B 364 -18.57 17.53 17.19
N LEU B 365 -19.71 17.18 16.61
CA LEU B 365 -19.71 16.29 15.47
C LEU B 365 -19.37 17.06 14.22
N ILE B 366 -19.92 18.28 14.10
CA ILE B 366 -19.67 19.09 12.92
C ILE B 366 -18.20 19.31 12.70
N ASN B 367 -17.50 19.63 13.78
CA ASN B 367 -16.06 19.90 13.73
C ASN B 367 -15.25 18.66 13.48
N GLU B 368 -15.65 17.57 14.11
CA GLU B 368 -14.97 16.32 13.96
C GLU B 368 -14.94 16.01 12.45
N LEU B 369 -16.11 16.14 11.83
CA LEU B 369 -16.34 15.91 10.40
C LEU B 369 -15.52 16.87 9.56
N ALA B 370 -15.63 18.16 9.88
CA ALA B 370 -14.90 19.20 9.18
C ALA B 370 -13.44 18.81 9.23
N GLY B 371 -13.04 18.21 10.35
CA GLY B 371 -11.68 17.77 10.49
C GLY B 371 -11.37 16.67 9.50
N ALA B 372 -12.15 15.62 9.57
CA ALA B 372 -11.94 14.51 8.67
C ALA B 372 -11.89 14.98 7.22
N TRP B 373 -12.69 15.99 6.87
CA TRP B 373 -12.69 16.46 5.46
C TRP B 373 -11.42 17.24 5.08
N LYS B 374 -10.92 17.99 6.04
CA LYS B 374 -9.74 18.80 5.82
C LYS B 374 -8.54 17.91 5.50
N HIS B 375 -8.54 16.68 6.02
CA HIS B 375 -7.42 15.79 5.79
C HIS B 375 -7.72 14.66 4.81
N SER B 376 -8.82 14.76 4.09
CA SER B 376 -9.21 13.75 3.11
C SER B 376 -8.76 14.22 1.73
N ARG B 377 -8.09 13.36 0.98
CA ARG B 377 -7.60 13.79 -0.31
C ARG B 377 -8.72 14.09 -1.29
N ALA B 378 -9.77 14.77 -0.84
CA ALA B 378 -10.90 15.08 -1.70
C ALA B 378 -10.60 16.31 -2.54
N ARG B 379 -11.25 16.40 -3.71
CA ARG B 379 -11.10 17.54 -4.62
C ARG B 379 -11.65 18.84 -3.99
N PRO B 380 -11.14 19.99 -4.43
CA PRO B 380 -11.57 21.28 -3.89
C PRO B 380 -13.05 21.53 -4.03
N PHE B 381 -13.62 21.06 -5.14
CA PHE B 381 -15.05 21.22 -5.38
C PHE B 381 -15.79 19.87 -5.39
N VAL B 382 -16.54 19.57 -4.35
CA VAL B 382 -17.20 18.29 -4.29
C VAL B 382 -18.69 18.44 -4.52
N HIS B 383 -19.26 17.49 -5.23
CA HIS B 383 -20.66 17.52 -5.52
C HIS B 383 -21.36 16.68 -4.48
N ILE B 384 -22.44 17.18 -3.92
CA ILE B 384 -23.15 16.41 -2.91
C ILE B 384 -24.33 15.76 -3.60
N MET B 385 -24.40 14.43 -3.55
CA MET B 385 -25.46 13.70 -4.21
C MET B 385 -26.46 13.07 -3.28
N GLN B 386 -27.63 13.69 -3.17
CA GLN B 386 -28.63 13.15 -2.30
C GLN B 386 -29.78 12.74 -3.20
N ASP B 387 -30.74 12.05 -2.62
CA ASP B 387 -31.93 11.60 -3.33
C ASP B 387 -32.90 12.76 -3.23
N LYS B 388 -33.94 12.74 -4.05
CA LYS B 388 -34.95 13.77 -4.02
C LYS B 388 -36.00 13.43 -2.94
N ASP B 389 -35.54 13.36 -1.68
CA ASP B 389 -36.36 13.07 -0.48
C ASP B 389 -36.17 14.21 0.50
N ILE B 390 -37.21 14.99 0.79
CA ILE B 390 -37.09 16.11 1.74
C ILE B 390 -36.39 15.72 3.04
N GLU B 391 -36.35 14.42 3.33
CA GLU B 391 -35.71 13.96 4.55
C GLU B 391 -34.19 13.99 4.45
N GLU B 392 -33.65 13.83 3.26
CA GLU B 392 -32.20 13.84 3.10
C GLU B 392 -31.63 15.23 3.00
N ASN B 393 -32.47 16.18 2.61
CA ASN B 393 -32.07 17.57 2.46
C ASN B 393 -31.23 18.08 3.62
N TYR B 394 -31.76 17.98 4.82
CA TYR B 394 -31.01 18.50 5.95
C TYR B 394 -29.77 17.70 6.25
N HIS B 395 -29.72 16.45 5.80
CA HIS B 395 -28.56 15.64 6.07
C HIS B 395 -27.45 16.05 5.15
N ALA B 396 -27.80 16.28 3.88
CA ALA B 396 -26.83 16.71 2.88
C ALA B 396 -26.23 18.06 3.27
N GLN B 397 -27.10 18.94 3.76
CA GLN B 397 -26.70 20.29 4.19
C GLN B 397 -25.91 20.29 5.49
N PHE B 398 -26.20 19.33 6.33
CA PHE B 398 -25.46 19.24 7.54
C PHE B 398 -24.01 18.93 7.14
N MET B 399 -23.83 17.95 6.25
CA MET B 399 -22.51 17.55 5.79
C MET B 399 -21.88 18.67 4.99
N GLU B 400 -22.67 19.35 4.15
CA GLU B 400 -22.15 20.48 3.37
C GLU B 400 -21.57 21.53 4.31
N GLN B 401 -22.14 21.66 5.51
CA GLN B 401 -21.59 22.60 6.48
C GLN B 401 -20.18 22.18 6.80
N ALA B 402 -19.98 20.89 7.07
CA ALA B 402 -18.66 20.36 7.36
C ALA B 402 -17.70 20.66 6.18
N LEU B 403 -18.06 20.22 4.97
CA LEU B 403 -17.21 20.50 3.81
C LEU B 403 -16.84 22.00 3.64
N HIS B 404 -17.79 22.90 3.94
CA HIS B 404 -17.57 24.35 3.83
C HIS B 404 -16.65 24.85 4.90
N GLN B 405 -16.75 24.23 6.07
CA GLN B 405 -15.91 24.56 7.21
C GLN B 405 -14.52 24.06 6.95
N ALA B 406 -14.41 23.03 6.09
CA ALA B 406 -13.10 22.48 5.74
C ALA B 406 -12.53 23.23 4.52
N GLY B 407 -13.33 24.15 3.97
CA GLY B 407 -12.89 24.93 2.83
C GLY B 407 -13.23 24.38 1.44
N PHE B 408 -14.20 23.50 1.34
CA PHE B 408 -14.54 22.99 0.02
C PHE B 408 -15.72 23.71 -0.58
N GLU B 409 -15.88 23.50 -1.88
CA GLU B 409 -16.98 24.10 -2.61
C GLU B 409 -17.92 22.95 -2.91
N THR B 410 -19.21 23.14 -2.67
CA THR B 410 -20.14 22.08 -2.93
C THR B 410 -21.21 22.51 -3.89
N ARG B 411 -22.07 21.58 -4.23
CA ARG B 411 -23.16 21.87 -5.14
C ARG B 411 -24.05 20.70 -4.86
N ILE B 412 -25.17 20.94 -4.20
CA ILE B 412 -26.02 19.84 -3.82
C ILE B 412 -26.93 19.33 -4.89
N LEU B 413 -26.59 18.17 -5.43
CA LEU B 413 -27.38 17.55 -6.48
C LEU B 413 -28.57 16.75 -5.94
N ARG B 414 -29.79 17.24 -6.20
CA ARG B 414 -31.01 16.56 -5.75
C ARG B 414 -31.55 15.69 -6.89
N GLY B 415 -31.13 14.43 -6.97
CA GLY B 415 -31.57 13.56 -8.04
C GLY B 415 -30.61 13.55 -9.23
N LEU B 416 -30.85 12.69 -10.19
CA LEU B 416 -29.95 12.60 -11.33
C LEU B 416 -30.30 13.43 -12.53
N ASP B 417 -31.27 14.32 -12.38
CA ASP B 417 -31.68 15.17 -13.50
C ASP B 417 -30.77 16.34 -13.85
N GLU B 418 -30.10 16.91 -12.88
CA GLU B 418 -29.23 18.02 -13.23
C GLU B 418 -27.98 17.45 -13.92
N LEU B 419 -27.82 16.14 -13.89
CA LEU B 419 -26.63 15.51 -14.49
C LEU B 419 -26.72 15.26 -15.98
N GLY B 420 -25.58 15.45 -16.66
CA GLY B 420 -25.46 15.24 -18.10
C GLY B 420 -24.04 14.98 -18.59
N TRP B 421 -23.92 14.61 -19.86
CA TRP B 421 -22.63 14.34 -20.49
C TRP B 421 -22.28 15.35 -21.60
N ASP B 422 -21.00 15.62 -21.84
CA ASP B 422 -20.66 16.49 -22.95
C ASP B 422 -20.62 15.55 -24.19
N ALA B 423 -20.11 16.02 -25.33
CA ALA B 423 -20.09 15.18 -26.53
C ALA B 423 -19.11 14.01 -26.41
N ALA B 424 -17.94 14.30 -25.83
CA ALA B 424 -16.86 13.32 -25.63
C ALA B 424 -17.24 12.22 -24.62
N GLY B 425 -18.08 12.56 -23.64
CA GLY B 425 -18.50 11.57 -22.68
C GLY B 425 -18.19 11.93 -21.25
N GLN B 426 -17.93 13.20 -20.97
CA GLN B 426 -17.64 13.62 -19.60
C GLN B 426 -18.84 14.04 -18.75
N LEU B 427 -18.76 13.74 -17.46
CA LEU B 427 -19.81 14.09 -16.50
C LEU B 427 -19.83 15.54 -16.06
N ILE B 428 -20.86 16.26 -16.47
CA ILE B 428 -20.98 17.65 -16.11
C ILE B 428 -22.24 17.83 -15.27
N ASP B 429 -22.23 18.83 -14.40
CA ASP B 429 -23.41 19.07 -13.59
C ASP B 429 -24.30 20.06 -14.31
N GLY B 430 -25.22 20.67 -13.57
CA GLY B 430 -26.15 21.63 -14.13
C GLY B 430 -25.45 22.84 -14.68
N GLU B 431 -24.72 23.54 -13.82
CA GLU B 431 -24.00 24.75 -14.21
C GLU B 431 -23.06 24.46 -15.39
N GLY B 432 -22.91 23.18 -15.70
CA GLY B 432 -22.06 22.79 -16.82
C GLY B 432 -20.67 22.38 -16.42
N ARG B 433 -20.38 22.41 -15.11
CA ARG B 433 -19.07 22.02 -14.63
C ARG B 433 -18.90 20.52 -14.46
N LEU B 434 -17.64 20.11 -14.39
CA LEU B 434 -17.29 18.72 -14.25
C LEU B 434 -17.52 18.21 -12.83
N VAL B 435 -17.98 16.97 -12.77
CA VAL B 435 -18.26 16.31 -11.52
C VAL B 435 -17.19 15.25 -11.34
N ASN B 436 -16.13 15.57 -10.58
CA ASN B 436 -15.10 14.57 -10.35
C ASN B 436 -14.93 14.18 -8.88
N CYS B 437 -15.71 14.79 -8.01
CA CYS B 437 -15.60 14.45 -6.60
C CYS B 437 -16.95 14.53 -5.93
N VAL B 438 -17.40 13.43 -5.36
CA VAL B 438 -18.69 13.46 -4.74
C VAL B 438 -18.87 12.74 -3.40
N TRP B 439 -19.70 13.34 -2.54
CA TRP B 439 -20.07 12.73 -1.28
C TRP B 439 -21.57 12.35 -1.45
N LYS B 440 -21.83 11.06 -1.47
CA LYS B 440 -23.18 10.54 -1.65
C LYS B 440 -23.98 10.22 -0.38
N THR B 441 -25.30 10.13 -0.54
CA THR B 441 -26.18 9.75 0.56
C THR B 441 -26.64 8.36 0.11
N TRP B 442 -26.56 8.12 -1.19
CA TRP B 442 -26.94 6.83 -1.74
C TRP B 442 -26.05 5.72 -1.19
N ALA B 443 -26.63 4.58 -0.91
CA ALA B 443 -25.83 3.47 -0.44
C ALA B 443 -25.29 2.79 -1.70
N TRP B 444 -24.04 2.32 -1.64
CA TRP B 444 -23.43 1.63 -2.77
C TRP B 444 -24.25 0.45 -3.31
N GLU B 445 -24.84 -0.34 -2.42
CA GLU B 445 -25.61 -1.48 -2.90
C GLU B 445 -26.68 -1.06 -3.94
N THR B 446 -27.11 0.20 -3.90
CA THR B 446 -28.10 0.65 -4.86
C THR B 446 -27.50 0.69 -6.25
N ALA B 447 -26.33 1.30 -6.38
CA ALA B 447 -25.65 1.33 -7.66
C ALA B 447 -25.38 -0.12 -8.03
N PHE B 448 -25.04 -0.95 -7.05
CA PHE B 448 -24.78 -2.35 -7.33
C PHE B 448 -25.98 -2.96 -8.02
N ASP B 449 -27.18 -2.66 -7.52
CA ASP B 449 -28.36 -3.20 -8.13
C ASP B 449 -28.35 -2.95 -9.64
N GLN B 450 -28.13 -1.71 -10.03
CA GLN B 450 -28.13 -1.38 -11.44
C GLN B 450 -27.16 -2.22 -12.25
N ILE B 451 -26.22 -2.87 -11.59
CA ILE B 451 -25.26 -3.70 -12.29
C ILE B 451 -25.91 -5.06 -12.47
N ARG B 452 -26.56 -5.55 -11.43
CA ARG B 452 -27.21 -6.86 -11.50
C ARG B 452 -28.32 -6.94 -12.54
N GLU B 453 -28.01 -6.50 -13.77
CA GLU B 453 -28.93 -6.49 -14.91
C GLU B 453 -28.15 -6.29 -16.21
N ALA B 460 -20.20 -7.22 -19.02
CA ALA B 460 -18.88 -7.84 -19.25
C ALA B 460 -17.68 -6.92 -18.82
N ALA B 461 -17.92 -6.09 -17.79
CA ALA B 461 -17.01 -5.11 -17.14
C ALA B 461 -18.01 -4.08 -16.67
N VAL B 462 -17.73 -3.34 -15.60
CA VAL B 462 -18.75 -2.40 -15.12
C VAL B 462 -19.46 -1.64 -16.21
N PRO B 463 -20.70 -2.04 -16.48
CA PRO B 463 -21.56 -1.42 -17.50
C PRO B 463 -22.05 -0.05 -17.10
N ILE B 464 -21.33 0.98 -17.50
CA ILE B 464 -21.72 2.34 -17.21
C ILE B 464 -21.87 3.09 -18.54
N ARG B 465 -22.82 4.01 -18.62
CA ARG B 465 -22.99 4.77 -19.83
C ARG B 465 -22.04 5.97 -19.82
N THR B 466 -21.56 6.33 -20.99
CA THR B 466 -20.64 7.45 -21.13
C THR B 466 -21.20 8.43 -22.16
N GLY B 467 -22.50 8.29 -22.41
CA GLY B 467 -23.18 9.14 -23.36
C GLY B 467 -24.57 8.60 -23.56
N HIS B 468 -25.51 9.48 -23.85
CA HIS B 468 -26.88 9.07 -24.03
C HIS B 468 -27.73 10.06 -24.83
N PRO B 469 -28.45 9.54 -25.84
CA PRO B 469 -29.31 10.36 -26.71
C PRO B 469 -30.17 11.37 -25.95
N GLN B 470 -30.69 10.95 -24.79
CA GLN B 470 -31.52 11.83 -23.99
C GLN B 470 -30.77 12.36 -22.78
N ASN B 471 -29.50 11.98 -22.68
CA ASN B 471 -28.68 12.43 -21.56
C ASN B 471 -29.21 11.85 -20.27
N GLU B 472 -29.64 10.60 -20.32
CA GLU B 472 -30.16 9.97 -19.12
C GLU B 472 -29.02 9.32 -18.30
N VAL B 473 -28.48 10.09 -17.37
CA VAL B 473 -27.37 9.66 -16.50
C VAL B 473 -27.90 8.88 -15.30
N ARG B 474 -27.29 7.74 -14.98
CA ARG B 474 -27.73 6.96 -13.81
C ARG B 474 -26.75 7.04 -12.64
N LEU B 475 -27.20 6.54 -11.50
CA LEU B 475 -26.40 6.55 -10.28
C LEU B 475 -25.09 5.83 -10.55
N ILE B 476 -25.18 4.60 -11.05
CA ILE B 476 -24.00 3.81 -11.33
C ILE B 476 -23.12 4.46 -12.38
N ASP B 477 -23.71 5.30 -13.22
CA ASP B 477 -22.98 6.05 -14.27
C ASP B 477 -22.14 7.19 -13.71
N VAL B 478 -22.18 7.37 -12.40
CA VAL B 478 -21.40 8.41 -11.75
C VAL B 478 -20.47 7.81 -10.72
N LEU B 479 -21.03 7.09 -9.78
CA LEU B 479 -20.24 6.53 -8.71
C LEU B 479 -19.18 5.60 -9.17
N LEU B 480 -19.41 4.93 -10.29
CA LEU B 480 -18.40 4.02 -10.79
C LEU B 480 -17.58 4.54 -11.99
N ARG B 481 -17.74 5.84 -12.28
CA ARG B 481 -16.98 6.44 -13.36
C ARG B 481 -15.58 6.61 -12.77
N PRO B 482 -14.66 5.71 -13.14
CA PRO B 482 -13.27 5.72 -12.66
C PRO B 482 -12.69 7.09 -12.28
N GLU B 483 -12.96 8.12 -13.07
CA GLU B 483 -12.41 9.45 -12.86
C GLU B 483 -13.03 10.20 -11.65
N VAL B 484 -14.09 9.68 -11.04
CA VAL B 484 -14.73 10.39 -9.93
C VAL B 484 -14.24 9.94 -8.57
N LEU B 485 -14.00 10.91 -7.67
CA LEU B 485 -13.54 10.59 -6.33
C LEU B 485 -14.75 10.51 -5.42
N VAL B 486 -15.15 9.31 -5.02
CA VAL B 486 -16.34 9.17 -4.19
C VAL B 486 -16.03 8.97 -2.70
N PHE B 487 -16.94 9.46 -1.87
CA PHE B 487 -16.89 9.39 -0.41
C PHE B 487 -18.32 8.99 0.00
N GLU B 488 -18.52 7.91 0.78
CA GLU B 488 -17.45 7.05 1.32
C GLU B 488 -16.87 6.19 0.23
N PRO B 489 -15.66 5.68 0.45
CA PRO B 489 -15.00 4.84 -0.53
C PRO B 489 -15.81 3.59 -0.82
N LEU B 490 -15.44 2.93 -1.91
CA LEU B 490 -16.11 1.71 -2.32
C LEU B 490 -15.98 0.58 -1.29
N TRP B 491 -14.76 0.37 -0.79
CA TRP B 491 -14.52 -0.70 0.17
C TRP B 491 -15.36 -0.66 1.43
N THR B 492 -15.89 0.52 1.74
CA THR B 492 -16.70 0.69 2.95
C THR B 492 -17.93 -0.16 2.92
N VAL B 493 -18.26 -0.74 1.76
CA VAL B 493 -19.43 -1.61 1.68
C VAL B 493 -19.13 -3.01 2.21
N ILE B 494 -17.86 -3.32 2.43
CA ILE B 494 -17.53 -4.62 2.98
C ILE B 494 -17.93 -4.60 4.45
N PRO B 495 -17.46 -3.60 5.24
CA PRO B 495 -17.84 -3.55 6.65
C PRO B 495 -19.31 -3.20 6.92
N GLY B 496 -20.01 -2.64 5.93
CA GLY B 496 -21.43 -2.31 6.11
C GLY B 496 -22.31 -3.50 5.73
N ASN B 497 -21.67 -4.54 5.21
CA ASN B 497 -22.40 -5.74 4.82
C ASN B 497 -22.32 -6.76 5.92
N LYS B 498 -23.45 -7.30 6.32
CA LYS B 498 -23.47 -8.25 7.41
C LYS B 498 -22.72 -9.52 7.13
N ALA B 499 -22.44 -9.82 5.88
CA ALA B 499 -21.73 -11.05 5.63
C ALA B 499 -20.39 -11.02 6.38
N ILE B 500 -20.02 -9.83 6.85
CA ILE B 500 -18.76 -9.66 7.57
C ILE B 500 -18.88 -10.02 9.05
N LEU B 501 -20.11 -10.03 9.58
CA LEU B 501 -20.28 -10.36 10.98
C LEU B 501 -19.80 -11.76 11.34
N PRO B 502 -20.18 -12.76 10.54
CA PRO B 502 -19.73 -14.13 10.82
C PRO B 502 -18.23 -14.23 10.70
N ILE B 503 -17.65 -13.33 9.92
CA ILE B 503 -16.21 -13.38 9.73
C ILE B 503 -15.51 -12.83 10.94
N LEU B 504 -16.09 -11.76 11.48
CA LEU B 504 -15.57 -11.10 12.68
C LEU B 504 -15.56 -12.10 13.84
N TRP B 505 -16.58 -12.94 13.86
CA TRP B 505 -16.73 -13.92 14.91
C TRP B 505 -15.66 -14.91 14.75
N SER B 506 -15.45 -15.33 13.50
CA SER B 506 -14.41 -16.30 13.18
C SER B 506 -13.01 -15.84 13.60
N LEU B 507 -12.71 -14.56 13.38
CA LEU B 507 -11.41 -13.98 13.70
C LEU B 507 -11.25 -13.59 15.18
N PHE B 508 -12.30 -13.07 15.77
CA PHE B 508 -12.29 -12.68 17.17
C PHE B 508 -13.36 -13.46 17.94
N PRO B 509 -13.18 -14.79 18.05
CA PRO B 509 -14.12 -15.68 18.74
C PRO B 509 -14.31 -15.38 20.20
N HIS B 510 -15.56 -15.14 20.59
CA HIS B 510 -15.90 -14.86 21.97
C HIS B 510 -15.44 -13.50 22.46
N HIS B 511 -15.18 -12.59 21.51
CA HIS B 511 -14.77 -11.25 21.88
C HIS B 511 -15.96 -10.71 22.68
N ARG B 512 -15.65 -9.89 23.67
CA ARG B 512 -16.68 -9.32 24.55
C ARG B 512 -17.74 -8.42 23.91
N TYR B 513 -17.43 -7.79 22.78
CA TYR B 513 -18.44 -6.94 22.15
C TYR B 513 -19.15 -7.66 21.03
N LEU B 514 -18.58 -8.77 20.59
CA LEU B 514 -19.16 -9.51 19.48
C LEU B 514 -20.32 -10.43 19.87
N LEU B 515 -21.15 -10.74 18.89
CA LEU B 515 -22.29 -11.62 19.10
C LEU B 515 -22.01 -12.73 18.12
N ASP B 516 -22.33 -13.95 18.50
CA ASP B 516 -22.08 -15.09 17.64
C ASP B 516 -23.03 -14.99 16.46
N THR B 517 -22.49 -14.85 15.27
CA THR B 517 -23.40 -14.81 14.15
C THR B 517 -22.85 -15.70 13.04
N ASP B 518 -23.77 -16.38 12.34
CA ASP B 518 -23.40 -17.30 11.29
C ASP B 518 -24.40 -17.20 10.17
N PHE B 519 -24.13 -17.92 9.08
CA PHE B 519 -25.01 -17.93 7.90
C PHE B 519 -26.01 -19.08 7.98
N THR B 520 -26.28 -19.54 9.20
CA THR B 520 -27.20 -20.65 9.45
C THR B 520 -27.53 -20.55 10.92
N VAL B 521 -28.47 -21.37 11.36
CA VAL B 521 -28.77 -21.34 12.77
C VAL B 521 -28.07 -22.58 13.31
N ASN B 522 -26.88 -22.39 13.89
CA ASN B 522 -26.14 -23.51 14.45
C ASN B 522 -26.67 -23.91 15.82
N ASP B 523 -26.04 -24.93 16.39
CA ASP B 523 -26.42 -25.47 17.67
C ASP B 523 -26.43 -24.45 18.80
N GLU B 524 -25.39 -23.66 18.87
CA GLU B 524 -25.26 -22.66 19.92
C GLU B 524 -26.25 -21.51 19.75
N LEU B 525 -26.63 -21.21 18.51
CA LEU B 525 -27.58 -20.14 18.24
C LEU B 525 -28.99 -20.62 18.52
N VAL B 526 -29.29 -21.82 18.04
CA VAL B 526 -30.61 -22.42 18.23
C VAL B 526 -30.93 -22.35 19.72
N LYS B 527 -29.88 -22.49 20.52
CA LYS B 527 -30.00 -22.48 21.96
C LYS B 527 -30.21 -21.08 22.58
N THR B 528 -29.62 -20.05 21.97
CA THR B 528 -29.72 -18.70 22.52
C THR B 528 -30.81 -17.84 21.96
N GLY B 529 -31.26 -18.20 20.79
CA GLY B 529 -32.26 -17.38 20.14
C GLY B 529 -31.46 -16.53 19.17
N TYR B 530 -32.09 -15.98 18.15
CA TYR B 530 -31.34 -15.21 17.19
C TYR B 530 -32.14 -14.16 16.39
N ALA B 531 -31.38 -13.31 15.70
CA ALA B 531 -31.96 -12.30 14.83
C ALA B 531 -31.63 -12.74 13.40
N VAL B 532 -32.63 -12.75 12.54
CA VAL B 532 -32.44 -13.10 11.15
C VAL B 532 -32.26 -11.75 10.48
N LYS B 533 -31.20 -11.61 9.70
CA LYS B 533 -30.98 -10.32 9.09
C LYS B 533 -30.42 -10.37 7.68
N PRO B 534 -30.98 -9.57 6.78
CA PRO B 534 -30.54 -9.52 5.38
C PRO B 534 -29.17 -8.85 5.33
N ILE B 535 -28.20 -9.48 4.66
CA ILE B 535 -26.86 -8.92 4.65
C ILE B 535 -26.72 -7.51 4.15
N ALA B 536 -27.53 -7.10 3.19
CA ALA B 536 -27.39 -5.74 2.70
C ALA B 536 -28.63 -4.86 2.99
N GLY B 537 -29.32 -5.14 4.08
CA GLY B 537 -30.50 -4.37 4.39
C GLY B 537 -30.24 -3.18 5.31
N ARG B 538 -31.30 -2.45 5.61
CA ARG B 538 -31.22 -1.28 6.46
C ARG B 538 -32.60 -0.78 6.82
N CYS B 539 -32.65 0.22 7.69
CA CYS B 539 -33.91 0.80 8.15
C CYS B 539 -34.63 -0.13 9.13
N GLY B 540 -34.09 -1.34 9.31
CA GLY B 540 -34.70 -2.30 10.21
C GLY B 540 -35.68 -3.17 9.41
N SER B 541 -35.31 -3.44 8.16
CA SER B 541 -36.15 -4.21 7.27
C SER B 541 -35.89 -5.70 7.26
N ASN B 542 -36.97 -6.46 7.07
CA ASN B 542 -36.93 -7.90 6.99
C ASN B 542 -36.17 -8.60 8.08
N ILE B 543 -36.28 -8.05 9.28
CA ILE B 543 -35.61 -8.58 10.47
C ILE B 543 -36.59 -9.49 11.19
N ASP B 544 -36.11 -10.65 11.59
CA ASP B 544 -36.94 -11.63 12.30
C ASP B 544 -36.27 -11.99 13.60
N LEU B 545 -37.00 -11.91 14.71
CA LEU B 545 -36.44 -12.23 16.03
C LEU B 545 -37.06 -13.49 16.67
N VAL B 546 -36.28 -14.57 16.68
CA VAL B 546 -36.72 -15.84 17.23
C VAL B 546 -36.08 -16.12 18.57
N SER B 547 -36.85 -16.58 19.55
CA SER B 547 -36.30 -16.88 20.88
C SER B 547 -35.62 -18.25 20.96
N HIS B 548 -34.99 -18.53 22.09
CA HIS B 548 -34.30 -19.81 22.27
C HIS B 548 -35.34 -20.90 22.32
N HIS B 549 -36.60 -20.50 22.20
CA HIS B 549 -37.72 -21.44 22.21
C HIS B 549 -38.11 -21.76 20.77
N GLU B 550 -39.00 -20.97 20.21
CA GLU B 550 -39.47 -21.20 18.84
C GLU B 550 -40.10 -19.89 18.37
N GLU B 551 -40.89 -19.30 19.25
CA GLU B 551 -41.64 -18.06 19.02
C GLU B 551 -40.90 -16.99 18.25
N VAL B 552 -41.67 -16.16 17.56
CA VAL B 552 -41.13 -15.04 16.80
C VAL B 552 -41.38 -13.78 17.62
N LEU B 553 -40.41 -13.43 18.47
CA LEU B 553 -40.55 -12.26 19.32
C LEU B 553 -40.99 -11.03 18.57
N ASP B 554 -40.49 -10.86 17.36
CA ASP B 554 -40.86 -9.70 16.56
C ASP B 554 -40.40 -9.88 15.12
N LYS B 555 -41.07 -9.20 14.21
CA LYS B 555 -40.76 -9.28 12.78
C LYS B 555 -41.08 -7.97 12.08
N THR B 556 -40.30 -7.65 11.06
CA THR B 556 -40.54 -6.43 10.29
C THR B 556 -40.57 -6.79 8.81
N SER B 557 -41.22 -5.95 8.04
CA SER B 557 -41.27 -6.17 6.62
C SER B 557 -40.06 -5.47 6.02
N GLY B 558 -40.08 -5.27 4.71
CA GLY B 558 -38.96 -4.62 4.05
C GLY B 558 -38.81 -5.07 2.62
N LYS B 559 -37.88 -4.46 1.91
CA LYS B 559 -37.66 -4.80 0.50
C LYS B 559 -36.57 -5.85 0.27
N PHE B 560 -35.87 -6.23 1.33
CA PHE B 560 -34.77 -7.17 1.22
C PHE B 560 -35.08 -8.58 1.66
N ALA B 561 -36.32 -8.98 1.54
CA ALA B 561 -36.73 -10.31 1.95
C ALA B 561 -36.19 -11.38 1.01
N GLU B 562 -35.54 -10.96 -0.07
CA GLU B 562 -35.01 -11.92 -1.05
C GLU B 562 -33.49 -12.11 -1.08
N GLN B 563 -32.76 -11.46 -0.17
CA GLN B 563 -31.31 -11.59 -0.17
C GLN B 563 -30.80 -12.55 0.89
N LYS B 564 -29.49 -12.78 0.90
CA LYS B 564 -28.89 -13.68 1.86
C LYS B 564 -29.02 -13.13 3.29
N ASN B 565 -29.47 -13.98 4.22
CA ASN B 565 -29.62 -13.59 5.62
C ASN B 565 -28.47 -14.11 6.47
N ILE B 566 -28.25 -13.48 7.61
CA ILE B 566 -27.26 -13.95 8.57
C ILE B 566 -28.09 -14.16 9.82
N TYR B 567 -27.57 -14.90 10.78
CA TYR B 567 -28.28 -15.16 12.03
C TYR B 567 -27.35 -14.75 13.13
N GLN B 568 -27.73 -13.69 13.82
CA GLN B 568 -26.91 -13.16 14.91
C GLN B 568 -27.54 -13.48 16.24
N GLN B 569 -26.72 -13.99 17.14
CA GLN B 569 -27.18 -14.36 18.46
C GLN B 569 -28.13 -13.33 18.95
N LEU B 570 -29.26 -13.74 19.52
CA LEU B 570 -30.22 -12.78 20.04
C LEU B 570 -29.58 -11.93 21.13
N TRP B 571 -30.22 -10.83 21.49
CA TRP B 571 -29.69 -9.96 22.54
C TRP B 571 -30.55 -8.72 22.58
N CYS B 572 -31.76 -8.87 23.10
CA CYS B 572 -32.79 -7.83 23.16
C CYS B 572 -32.40 -6.45 23.71
N LEU B 573 -32.97 -5.40 23.13
CA LEU B 573 -32.68 -4.07 23.59
C LEU B 573 -33.26 -3.82 24.97
N PRO B 574 -32.57 -3.03 25.78
CA PRO B 574 -33.07 -2.75 27.11
C PRO B 574 -34.26 -1.83 27.02
N LYS B 575 -35.29 -2.14 27.79
CA LYS B 575 -36.50 -1.32 27.87
C LYS B 575 -36.35 -0.34 29.04
N VAL B 576 -36.38 0.95 28.76
CA VAL B 576 -36.21 1.96 29.81
C VAL B 576 -37.22 3.08 29.70
N ASP B 577 -38.12 3.14 30.67
CA ASP B 577 -39.17 4.16 30.62
C ASP B 577 -40.06 3.95 29.39
N GLY B 578 -40.61 2.74 29.30
CA GLY B 578 -41.49 2.40 28.18
C GLY B 578 -40.95 2.44 26.76
N LYS B 579 -39.66 2.22 26.56
CA LYS B 579 -39.11 2.24 25.21
C LYS B 579 -37.84 1.44 25.16
N TYR B 580 -37.65 0.72 24.07
CA TYR B 580 -36.44 -0.06 23.90
C TYR B 580 -35.45 0.96 23.43
N ILE B 581 -34.21 0.83 23.88
CA ILE B 581 -33.20 1.79 23.52
C ILE B 581 -31.86 1.22 23.10
N GLN B 582 -31.45 1.68 21.92
CA GLN B 582 -30.19 1.31 21.30
C GLN B 582 -29.24 2.50 21.28
N VAL B 583 -28.03 2.27 21.76
CA VAL B 583 -27.01 3.31 21.76
C VAL B 583 -26.30 3.34 20.40
N CYS B 584 -25.97 4.54 19.92
CA CYS B 584 -25.32 4.71 18.63
C CYS B 584 -24.14 5.61 18.87
N THR B 585 -23.01 5.25 18.30
CA THR B 585 -21.83 6.10 18.40
C THR B 585 -21.60 6.43 16.95
N PHE B 586 -20.70 7.35 16.68
CA PHE B 586 -20.43 7.70 15.31
C PHE B 586 -18.96 7.50 15.13
N THR B 587 -18.48 7.11 13.96
CA THR B 587 -17.03 7.12 13.77
C THR B 587 -16.74 8.23 12.73
N VAL B 588 -15.81 9.11 13.06
CA VAL B 588 -15.45 10.18 12.15
C VAL B 588 -13.99 9.95 11.89
N GLY B 589 -13.68 9.50 10.68
CA GLY B 589 -12.29 9.21 10.32
C GLY B 589 -11.62 8.17 11.20
N GLY B 590 -12.29 7.05 11.44
CA GLY B 590 -11.72 6.00 12.27
C GLY B 590 -11.91 6.08 13.77
N ASN B 591 -12.17 7.27 14.30
CA ASN B 591 -12.35 7.44 15.74
C ASN B 591 -13.68 7.98 16.22
N TYR B 592 -14.01 7.66 17.48
CA TYR B 592 -15.24 8.08 18.13
C TYR B 592 -15.57 9.50 17.67
N GLY B 593 -16.85 9.78 17.49
CA GLY B 593 -17.25 11.11 17.07
C GLY B 593 -18.43 11.59 17.87
N GLY B 594 -18.98 10.67 18.68
CA GLY B 594 -20.13 11.01 19.50
C GLY B 594 -21.06 9.83 19.76
N THR B 595 -22.11 10.08 20.53
CA THR B 595 -23.10 9.06 20.86
C THR B 595 -24.48 9.65 20.75
N CYS B 596 -25.44 8.81 20.40
CA CYS B 596 -26.81 9.26 20.32
C CYS B 596 -27.68 8.08 20.70
N LEU B 597 -28.95 8.36 21.00
CA LEU B 597 -29.90 7.32 21.39
C LEU B 597 -30.98 7.17 20.36
N ARG B 598 -31.59 6.00 20.33
CA ARG B 598 -32.68 5.72 19.39
C ARG B 598 -33.65 4.87 20.17
N GLY B 599 -34.91 5.26 20.15
CA GLY B 599 -35.88 4.50 20.90
C GLY B 599 -37.03 4.03 20.07
N ASP B 600 -37.61 2.92 20.47
CA ASP B 600 -38.76 2.35 19.80
C ASP B 600 -39.64 1.53 20.74
N GLU B 601 -40.94 1.58 20.53
CA GLU B 601 -41.86 0.83 21.36
C GLU B 601 -41.63 -0.65 21.19
N SER B 602 -40.82 -1.05 20.22
CA SER B 602 -40.55 -2.46 20.00
C SER B 602 -39.08 -2.76 19.88
N LEU B 603 -38.75 -4.04 20.06
CA LEU B 603 -37.38 -4.56 19.98
C LEU B 603 -36.57 -4.19 18.75
N VAL B 604 -37.22 -3.95 17.61
CA VAL B 604 -36.48 -3.63 16.42
C VAL B 604 -36.50 -2.16 16.05
N ILE B 605 -35.36 -1.51 16.21
CA ILE B 605 -35.23 -0.11 15.84
C ILE B 605 -35.51 -0.01 14.34
N LYS B 606 -36.27 1.01 13.96
CA LYS B 606 -36.62 1.28 12.57
C LYS B 606 -36.34 2.75 12.19
N LYS B 607 -36.36 2.99 10.89
CA LYS B 607 -36.14 4.32 10.31
C LYS B 607 -37.04 5.37 10.96
N GLU B 608 -38.23 4.95 11.38
CA GLU B 608 -39.21 5.84 12.01
C GLU B 608 -38.98 6.02 13.50
N SER B 609 -37.97 5.35 14.01
CA SER B 609 -37.68 5.45 15.43
C SER B 609 -37.35 6.88 15.81
N ASP B 610 -37.56 7.21 17.07
CA ASP B 610 -37.30 8.55 17.55
C ASP B 610 -35.87 8.72 18.04
N ILE B 611 -35.41 9.96 18.04
CA ILE B 611 -34.10 10.23 18.55
C ILE B 611 -34.45 10.67 19.95
N GLU B 612 -33.76 10.10 20.94
CA GLU B 612 -33.97 10.40 22.33
C GLU B 612 -32.83 11.23 22.92
N PRO B 613 -33.12 12.46 23.39
CA PRO B 613 -32.03 13.23 23.96
C PRO B 613 -31.19 12.39 24.96
N LEU B 614 -29.89 12.63 24.94
CA LEU B 614 -28.96 11.92 25.81
C LEU B 614 -28.09 12.97 26.51
N ILE B 615 -27.73 12.72 27.75
CA ILE B 615 -26.89 13.65 28.46
C ILE B 615 -25.94 12.84 29.33
N VAL B 616 -24.63 12.97 29.05
CA VAL B 616 -23.59 12.28 29.82
C VAL B 616 -23.38 12.97 31.16
N VAL B 617 -23.29 12.17 32.21
CA VAL B 617 -23.09 12.71 33.56
C VAL B 617 -22.01 12.00 34.35
N LYS B 618 -21.33 12.74 35.23
CA LYS B 618 -20.30 12.17 36.08
C LYS B 618 -20.67 12.24 37.58
MG MG C . 26.59 -9.69 -6.13
MG MG D . 28.20 -11.17 -10.45
PG ANP E . 29.23 -9.52 -8.32
O1G ANP E . 30.64 -9.23 -8.19
O2G ANP E . 29.00 -9.04 -9.79
O3G ANP E . 28.35 -8.75 -7.25
PB ANP E . 28.97 -12.04 -6.99
O1B ANP E . 30.31 -12.15 -6.39
O2B ANP E . 27.81 -11.60 -5.97
N3B ANP E . 28.92 -11.04 -8.30
PA ANP E . 28.07 -14.13 -9.07
O1A ANP E . 26.78 -14.80 -8.88
O2A ANP E . 28.11 -13.01 -10.10
O3A ANP E . 28.47 -13.66 -7.66
O5' ANP E . 29.10 -15.25 -9.27
C5' ANP E . 30.49 -14.89 -9.51
C4' ANP E . 30.92 -15.46 -10.83
O4' ANP E . 30.86 -16.93 -10.64
C3' ANP E . 29.98 -15.23 -12.00
O3' ANP E . 30.21 -13.96 -12.58
C2' ANP E . 30.30 -16.46 -12.83
O2' ANP E . 31.52 -16.21 -13.57
C1' ANP E . 30.48 -17.60 -11.79
N9 ANP E . 29.24 -18.33 -11.41
C8 ANP E . 28.28 -17.93 -10.53
N7 ANP E . 27.29 -18.80 -10.39
C5 ANP E . 27.63 -19.80 -11.25
C6 ANP E . 26.93 -21.10 -11.56
N6 ANP E . 25.76 -21.52 -11.05
N1 ANP E . 27.61 -21.90 -12.52
C2 ANP E . 28.86 -21.52 -13.10
N3 ANP E . 29.50 -20.34 -12.81
C4 ANP E . 28.86 -19.54 -11.88
MG MG F . -27.64 -1.23 8.94
MG MG G . -29.05 -0.39 13.02
PG ANP H . -30.08 0.56 10.18
O1G ANP H . -31.41 1.06 9.92
O2G ANP H . -29.74 1.49 11.40
O3G ANP H . -29.18 0.74 8.90
PB ANP H . -30.25 -2.35 9.87
O1B ANP H . -31.60 -2.49 9.25
O2B ANP H . -29.05 -2.48 8.86
N3B ANP H . -30.02 -0.94 10.73
PA ANP H . -29.63 -3.75 12.55
O1A ANP H . -28.50 -4.70 12.67
O2A ANP H . -29.39 -2.33 13.07
O3A ANP H . -30.00 -3.70 11.05
O5' ANP H . -30.93 -4.47 13.15
C5' ANP H . -32.22 -3.72 13.17
C4' ANP H . -32.75 -3.56 14.59
O4' ANP H . -33.00 -4.94 15.01
C3' ANP H . -31.76 -3.06 15.61
O3' ANP H . -31.80 -1.64 15.66
C2' ANP H . -32.18 -3.85 16.87
O2' ANP H . -33.20 -3.14 17.61
C1' ANP H . -32.70 -5.19 16.35
N9 ANP H . -31.67 -6.29 16.36
C8 ANP H . -30.75 -6.55 15.41
N7 ANP H . -29.96 -7.57 15.67
C5 ANP H . -30.39 -7.99 16.89
C6 ANP H . -29.92 -9.11 17.74
N6 ANP H . -28.91 -9.94 17.45
N1 ANP H . -30.64 -9.25 18.94
C2 ANP H . -31.72 -8.39 19.29
N3 ANP H . -32.15 -7.36 18.50
C4 ANP H . -31.47 -7.22 17.32
#